data_6WL5
#
_entry.id   6WL5
#
_cell.length_a   212.393
_cell.length_b   42.419
_cell.length_c   115.798
_cell.angle_alpha   90.000
_cell.angle_beta   117.270
_cell.angle_gamma   90.000
#
_symmetry.space_group_name_H-M   'C 1 2 1'
#
loop_
_entity.id
_entity.type
_entity.pdbx_description
1 polymer 'EcmrR   transcriptional regulator'
2 non-polymer CETYL-TRIMETHYL-AMMONIUM
3 non-polymer GLYCEROL
4 non-polymer 'CHLORIDE ION'
5 non-polymer 1,2-ETHANEDIOL
6 water water
#
_entity_poly.entity_id   1
_entity_poly.type   'polypeptide(L)'
_entity_poly.pdbx_seq_one_letter_code
;SMLYQAALKEIPECIVYSKRFIVPDFSSYIKLIPPIGQEVMKANPGLTLTTPAYCFTLYHDKEYKEKNMDVEFCEAVNDF
GKNEGNIIFQVIPAITAVTVIHKGPYDSLRNAYIYLMQWVEDNGYLLTNSPRESYIDGIWNKQDSAEWMTEIQFPVEKV
;
_entity_poly.pdbx_strand_id   A,B,C,D
#
# COMPACT_ATOMS: atom_id res chain seq x y z
N MET A 2 13.62 -13.86 -0.12
CA MET A 2 14.91 -13.32 0.30
C MET A 2 14.76 -12.77 1.72
N LEU A 3 15.84 -12.78 2.49
CA LEU A 3 15.82 -12.43 3.91
C LEU A 3 16.46 -11.06 4.08
N TYR A 4 15.64 -10.02 4.08
CA TYR A 4 16.14 -8.66 4.21
C TYR A 4 16.61 -8.42 5.65
N GLN A 5 17.69 -7.65 5.79
N GLN A 5 17.63 -7.57 5.78
CA GLN A 5 18.22 -7.28 7.09
CA GLN A 5 18.32 -7.28 7.05
C GLN A 5 18.42 -5.77 7.10
C GLN A 5 18.52 -5.77 7.19
N ALA A 6 17.65 -5.10 7.95
CA ALA A 6 17.76 -3.65 8.09
C ALA A 6 19.08 -3.23 8.71
N ALA A 7 19.66 -2.15 8.19
CA ALA A 7 20.79 -1.46 8.79
C ALA A 7 20.46 0.02 8.84
N LEU A 8 21.02 0.74 9.80
CA LEU A 8 20.80 2.16 9.94
C LEU A 8 22.13 2.86 9.66
N LYS A 9 22.10 3.87 8.80
CA LYS A 9 23.34 4.52 8.41
C LYS A 9 23.14 6.01 8.17
N GLU A 10 24.23 6.76 8.28
CA GLU A 10 24.27 8.16 7.87
C GLU A 10 24.92 8.23 6.50
N ILE A 11 24.21 8.82 5.54
CA ILE A 11 24.67 8.96 4.17
C ILE A 11 25.04 10.43 3.96
N PRO A 12 26.29 10.75 3.71
CA PRO A 12 26.68 12.17 3.55
C PRO A 12 26.15 12.75 2.26
N GLU A 13 26.19 14.08 2.20
CA GLU A 13 25.84 14.76 0.96
C GLU A 13 26.79 14.38 -0.16
N CYS A 14 26.27 14.43 -1.39
CA CYS A 14 27.07 14.17 -2.57
C CYS A 14 26.64 15.09 -3.70
N ILE A 15 27.58 15.30 -4.63
CA ILE A 15 27.30 16.01 -5.87
C ILE A 15 26.97 14.94 -6.89
N VAL A 16 25.90 15.18 -7.66
CA VAL A 16 25.48 14.25 -8.69
C VAL A 16 25.19 15.00 -9.99
N TYR A 17 25.23 14.26 -11.08
CA TYR A 17 24.44 14.62 -12.25
C TYR A 17 23.16 13.81 -12.21
N SER A 18 22.10 14.37 -12.79
CA SER A 18 20.77 13.82 -12.57
C SER A 18 19.81 14.22 -13.70
N LYS A 19 18.80 13.39 -13.90
CA LYS A 19 17.71 13.72 -14.80
C LYS A 19 16.43 13.17 -14.20
N ARG A 20 15.36 13.96 -14.25
CA ARG A 20 14.09 13.61 -13.65
C ARG A 20 13.03 13.36 -14.72
N PHE A 21 12.18 12.38 -14.46
CA PHE A 21 11.25 11.84 -15.46
C PHE A 21 9.94 11.45 -14.79
N ILE A 22 8.85 11.48 -15.55
CA ILE A 22 7.65 10.70 -15.26
C ILE A 22 7.67 9.48 -16.16
N VAL A 23 7.71 8.28 -15.57
CA VAL A 23 7.89 7.06 -16.36
C VAL A 23 6.70 6.13 -16.31
N PRO A 24 6.37 5.46 -17.44
CA PRO A 24 5.21 4.58 -17.42
C PRO A 24 5.36 3.39 -16.48
N ASP A 25 6.57 2.87 -16.40
CA ASP A 25 6.90 1.69 -15.60
C ASP A 25 8.43 1.61 -15.50
N PHE A 26 8.89 0.66 -14.71
CA PHE A 26 10.32 0.54 -14.44
C PHE A 26 11.12 0.16 -15.70
N SER A 27 10.62 -0.77 -16.50
CA SER A 27 11.35 -1.16 -17.71
C SER A 27 11.53 0.03 -18.64
N SER A 28 10.49 0.87 -18.77
CA SER A 28 10.59 2.03 -19.66
C SER A 28 11.62 3.01 -19.12
N TYR A 29 11.64 3.17 -17.81
CA TYR A 29 12.58 4.08 -17.15
C TYR A 29 14.01 3.66 -17.39
N ILE A 30 14.32 2.39 -17.14
CA ILE A 30 15.73 2.04 -17.19
C ILE A 30 16.31 2.15 -18.60
N LYS A 31 15.50 2.02 -19.65
CA LYS A 31 15.98 2.25 -21.02
C LYS A 31 16.42 3.69 -21.24
N LEU A 32 15.92 4.62 -20.43
CA LEU A 32 16.30 6.02 -20.48
C LEU A 32 17.62 6.29 -19.77
N ILE A 33 18.19 5.32 -19.07
CA ILE A 33 19.35 5.62 -18.22
C ILE A 33 20.67 5.66 -18.99
N PRO A 34 20.98 4.69 -19.84
CA PRO A 34 22.30 4.71 -20.51
C PRO A 34 22.61 6.03 -21.20
N PRO A 35 21.66 6.65 -21.92
CA PRO A 35 22.00 7.91 -22.62
C PRO A 35 22.47 9.03 -21.70
N ILE A 36 22.07 9.02 -20.44
CA ILE A 36 22.35 10.13 -19.54
C ILE A 36 23.85 10.26 -19.33
N GLY A 37 24.48 9.16 -18.93
CA GLY A 37 25.91 9.17 -18.71
C GLY A 37 26.67 9.52 -19.97
N GLN A 38 26.24 8.96 -21.10
CA GLN A 38 26.90 9.25 -22.37
C GLN A 38 26.86 10.74 -22.65
N GLU A 39 25.69 11.35 -22.44
N GLU A 39 25.71 11.37 -22.46
CA GLU A 39 25.48 12.74 -22.83
CA GLU A 39 25.60 12.77 -22.88
C GLU A 39 26.26 13.68 -21.92
C GLU A 39 26.30 13.70 -21.91
N VAL A 40 26.18 13.45 -20.61
CA VAL A 40 26.84 14.33 -19.65
C VAL A 40 28.34 14.22 -19.76
N MET A 41 28.87 13.00 -20.01
CA MET A 41 30.31 12.81 -20.11
C MET A 41 30.86 13.50 -21.36
N LYS A 42 30.17 13.37 -22.49
CA LYS A 42 30.61 14.05 -23.70
C LYS A 42 30.75 15.55 -23.47
N ALA A 43 29.82 16.13 -22.71
CA ALA A 43 29.77 17.58 -22.52
C ALA A 43 30.72 18.09 -21.43
N ASN A 44 31.28 17.21 -20.62
CA ASN A 44 32.14 17.59 -19.49
C ASN A 44 33.33 16.67 -19.47
N PRO A 45 34.27 16.82 -20.41
CA PRO A 45 35.52 16.07 -20.33
C PRO A 45 36.13 16.25 -18.95
N GLY A 46 36.74 15.19 -18.44
CA GLY A 46 37.33 15.23 -17.12
C GLY A 46 36.37 14.98 -15.98
N LEU A 47 35.07 14.97 -16.21
CA LEU A 47 34.14 14.59 -15.16
C LEU A 47 34.48 13.19 -14.68
N THR A 48 34.46 13.00 -13.36
N THR A 48 34.53 13.00 -13.36
CA THR A 48 34.93 11.80 -12.69
CA THR A 48 34.92 11.73 -12.79
C THR A 48 33.84 11.30 -11.75
C THR A 48 33.88 11.28 -11.78
N LEU A 49 33.48 10.03 -11.90
CA LEU A 49 32.57 9.40 -10.94
C LEU A 49 33.28 9.17 -9.62
N THR A 50 32.49 9.22 -8.52
CA THR A 50 33.09 9.02 -7.20
C THR A 50 33.56 7.57 -7.07
N THR A 51 34.54 7.38 -6.19
CA THR A 51 35.03 6.05 -5.82
C THR A 51 34.99 5.97 -4.30
N PRO A 52 34.16 5.08 -3.72
CA PRO A 52 33.23 4.19 -4.41
C PRO A 52 32.11 4.93 -5.12
N ALA A 53 31.52 4.27 -6.11
CA ALA A 53 30.41 4.80 -6.86
C ALA A 53 29.19 4.97 -5.95
N TYR A 54 28.31 5.89 -6.33
CA TYR A 54 27.00 6.00 -5.71
C TYR A 54 26.02 6.41 -6.79
N CYS A 55 25.23 5.47 -7.27
CA CYS A 55 24.38 5.62 -8.44
C CYS A 55 22.99 5.16 -8.02
N PHE A 56 22.01 6.05 -8.07
CA PHE A 56 20.75 5.74 -7.41
C PHE A 56 19.60 6.50 -8.04
N THR A 57 18.42 5.91 -7.91
CA THR A 57 17.18 6.56 -8.29
C THR A 57 16.53 7.12 -7.03
N LEU A 58 16.08 8.36 -7.11
CA LEU A 58 15.18 8.92 -6.13
C LEU A 58 13.75 8.70 -6.60
N TYR A 59 12.92 8.12 -5.73
CA TYR A 59 11.49 7.96 -5.98
C TYR A 59 10.72 9.05 -5.25
N HIS A 60 10.23 10.04 -6.01
CA HIS A 60 9.66 11.27 -5.45
C HIS A 60 8.15 11.22 -5.24
N ASP A 61 7.49 10.13 -5.60
CA ASP A 61 6.04 10.09 -5.41
C ASP A 61 5.71 10.13 -3.93
N LYS A 62 4.53 10.64 -3.63
CA LYS A 62 4.08 10.78 -2.25
C LYS A 62 3.35 9.56 -1.75
N GLU A 63 3.18 8.56 -2.58
CA GLU A 63 2.60 7.29 -2.18
C GLU A 63 3.31 6.21 -2.98
N TYR A 64 3.09 4.98 -2.57
CA TYR A 64 3.66 3.86 -3.30
C TYR A 64 3.00 3.73 -4.67
N LYS A 65 3.81 3.58 -5.71
CA LYS A 65 3.33 3.41 -7.07
C LYS A 65 4.32 2.52 -7.83
N GLU A 66 3.83 1.90 -8.90
CA GLU A 66 4.67 1.16 -9.84
C GLU A 66 4.53 1.64 -11.27
N LYS A 67 3.53 2.44 -11.59
CA LYS A 67 3.32 3.00 -12.92
C LYS A 67 3.12 4.49 -12.83
N ASN A 68 3.53 5.21 -13.86
CA ASN A 68 3.42 6.65 -13.89
C ASN A 68 4.20 7.27 -12.73
N MET A 69 5.46 6.83 -12.55
CA MET A 69 6.28 7.21 -11.41
C MET A 69 7.11 8.45 -11.69
N ASP A 70 7.27 9.26 -10.64
CA ASP A 70 8.15 10.43 -10.63
C ASP A 70 9.51 9.98 -10.09
N VAL A 71 10.50 9.84 -10.99
CA VAL A 71 11.80 9.28 -10.64
C VAL A 71 12.89 10.22 -11.07
N GLU A 72 14.01 10.21 -10.35
CA GLU A 72 15.16 11.03 -10.66
C GLU A 72 16.41 10.17 -10.60
N PHE A 73 17.05 9.97 -11.76
CA PHE A 73 18.28 9.22 -11.81
C PHE A 73 19.43 10.11 -11.39
N CYS A 74 20.28 9.59 -10.51
CA CYS A 74 21.42 10.33 -9.98
C CYS A 74 22.70 9.50 -10.01
N GLU A 75 23.81 10.13 -10.33
CA GLU A 75 25.09 9.48 -10.27
C GLU A 75 26.09 10.45 -9.66
N ALA A 76 26.78 9.98 -8.63
CA ALA A 76 27.68 10.85 -7.88
C ALA A 76 29.01 11.07 -8.59
N VAL A 77 29.46 12.33 -8.57
CA VAL A 77 30.71 12.76 -9.18
C VAL A 77 31.54 13.53 -8.16
N ASN A 78 32.83 13.67 -8.45
CA ASN A 78 33.68 14.37 -7.50
C ASN A 78 33.51 15.89 -7.58
N ASP A 79 33.14 16.44 -8.74
CA ASP A 79 32.88 17.88 -8.77
C ASP A 79 31.77 18.23 -9.75
N PHE A 80 31.26 19.43 -9.61
CA PHE A 80 30.24 19.93 -10.51
C PHE A 80 30.78 19.99 -11.94
N GLY A 81 29.88 19.74 -12.89
CA GLY A 81 30.14 20.06 -14.27
C GLY A 81 29.12 21.04 -14.80
N LYS A 82 29.02 21.14 -16.12
CA LYS A 82 28.06 22.01 -16.78
C LYS A 82 26.80 21.22 -17.09
N ASN A 83 25.64 21.78 -16.79
CA ASN A 83 24.40 21.11 -17.16
C ASN A 83 24.38 20.89 -18.67
N GLU A 84 23.70 19.81 -19.09
CA GLU A 84 23.57 19.44 -20.49
C GLU A 84 22.10 19.11 -20.70
N GLY A 85 21.36 20.03 -21.32
CA GLY A 85 19.94 19.82 -21.48
C GLY A 85 19.26 19.73 -20.15
N ASN A 86 18.40 18.72 -20.00
CA ASN A 86 17.74 18.47 -18.74
C ASN A 86 18.58 17.60 -17.81
N ILE A 87 19.85 17.40 -18.13
CA ILE A 87 20.77 16.75 -17.21
C ILE A 87 21.40 17.83 -16.34
N ILE A 88 21.16 17.76 -15.04
CA ILE A 88 21.54 18.83 -14.14
C ILE A 88 22.41 18.32 -13.00
N PHE A 89 23.37 19.14 -12.61
CA PHE A 89 24.19 18.90 -11.43
C PHE A 89 23.53 19.52 -10.20
N GLN A 90 23.49 18.78 -9.11
CA GLN A 90 22.91 19.24 -7.86
C GLN A 90 23.57 18.51 -6.70
N VAL A 91 23.43 19.09 -5.51
CA VAL A 91 23.89 18.45 -4.29
C VAL A 91 22.71 17.71 -3.68
N ILE A 92 22.87 16.41 -3.43
CA ILE A 92 21.84 15.60 -2.79
C ILE A 92 22.15 15.59 -1.29
N PRO A 93 21.24 16.02 -0.43
CA PRO A 93 21.62 16.27 0.96
C PRO A 93 21.87 14.98 1.75
N ALA A 94 22.60 15.15 2.86
CA ALA A 94 22.83 14.08 3.81
C ALA A 94 21.52 13.64 4.45
N ILE A 95 21.43 12.35 4.76
CA ILE A 95 20.25 11.77 5.39
C ILE A 95 20.69 10.69 6.37
N THR A 96 19.79 10.38 7.30
CA THR A 96 19.88 9.17 8.08
C THR A 96 18.92 8.19 7.42
N ALA A 97 19.39 6.99 7.11
CA ALA A 97 18.56 6.06 6.36
C ALA A 97 18.53 4.70 7.02
N VAL A 98 17.36 4.05 6.97
CA VAL A 98 17.29 2.61 7.16
C VAL A 98 17.35 1.95 5.79
N THR A 99 18.20 0.94 5.68
CA THR A 99 18.53 0.32 4.40
C THR A 99 18.39 -1.19 4.45
N VAL A 100 18.13 -1.79 3.28
CA VAL A 100 18.26 -3.23 3.08
C VAL A 100 18.91 -3.46 1.73
N ILE A 101 19.58 -4.56 1.61
CA ILE A 101 20.08 -5.05 0.32
C ILE A 101 19.06 -5.99 -0.31
N HIS A 102 18.68 -5.67 -1.54
CA HIS A 102 17.90 -6.56 -2.39
C HIS A 102 18.85 -7.30 -3.33
N LYS A 103 18.93 -8.59 -3.16
N LYS A 103 18.97 -8.61 -3.14
CA LYS A 103 19.69 -9.44 -4.05
CA LYS A 103 19.71 -9.46 -4.05
C LYS A 103 18.79 -10.00 -5.13
C LYS A 103 18.79 -9.97 -5.14
N GLY A 104 19.31 -10.03 -6.36
CA GLY A 104 18.57 -10.61 -7.46
C GLY A 104 17.93 -9.61 -8.41
N PRO A 105 17.16 -10.17 -9.35
CA PRO A 105 16.54 -9.38 -10.40
C PRO A 105 15.52 -8.38 -9.86
N TYR A 106 15.20 -7.42 -10.72
CA TYR A 106 14.43 -6.25 -10.30
C TYR A 106 12.94 -6.49 -10.20
N ASP A 107 12.42 -7.63 -10.69
CA ASP A 107 10.99 -7.88 -10.63
C ASP A 107 10.49 -7.96 -9.19
N SER A 108 11.36 -8.31 -8.24
CA SER A 108 10.95 -8.42 -6.84
C SER A 108 11.44 -7.27 -5.97
N LEU A 109 11.92 -6.18 -6.57
CA LEU A 109 12.31 -5.01 -5.76
C LEU A 109 11.21 -4.59 -4.78
N ARG A 110 9.94 -4.66 -5.19
CA ARG A 110 8.86 -4.18 -4.33
C ARG A 110 8.92 -4.84 -2.96
N ASN A 111 9.43 -6.06 -2.87
CA ASN A 111 9.47 -6.76 -1.58
C ASN A 111 10.37 -6.05 -0.56
N ALA A 112 11.43 -5.41 -1.04
CA ALA A 112 12.30 -4.61 -0.19
C ALA A 112 11.60 -3.36 0.31
N TYR A 113 10.82 -2.70 -0.54
CA TYR A 113 10.05 -1.54 -0.12
C TYR A 113 9.00 -1.93 0.90
N ILE A 114 8.29 -3.05 0.65
CA ILE A 114 7.33 -3.57 1.63
C ILE A 114 8.02 -3.76 2.96
N TYR A 115 9.15 -4.42 2.94
CA TYR A 115 9.89 -4.70 4.16
C TYR A 115 10.29 -3.45 4.90
N LEU A 116 10.80 -2.46 4.19
CA LEU A 116 11.24 -1.24 4.87
C LEU A 116 10.07 -0.42 5.38
N MET A 117 8.96 -0.35 4.61
N MET A 117 8.96 -0.35 4.64
CA MET A 117 7.75 0.34 5.09
CA MET A 117 7.81 0.38 5.20
C MET A 117 7.31 -0.27 6.42
C MET A 117 7.34 -0.27 6.49
N GLN A 118 7.32 -1.60 6.53
CA GLN A 118 6.92 -2.28 7.77
C GLN A 118 7.92 -2.03 8.89
N TRP A 119 9.22 -2.05 8.57
CA TRP A 119 10.23 -1.81 9.58
C TRP A 119 10.07 -0.43 10.18
N VAL A 120 9.83 0.56 9.34
CA VAL A 120 9.67 1.92 9.84
C VAL A 120 8.52 2.01 10.84
N GLU A 121 7.39 1.39 10.50
CA GLU A 121 6.24 1.39 11.42
C GLU A 121 6.57 0.65 12.72
N ASP A 122 7.19 -0.52 12.60
CA ASP A 122 7.41 -1.39 13.75
C ASP A 122 8.42 -0.81 14.73
N ASN A 123 9.36 0.01 14.25
CA ASN A 123 10.46 0.47 15.08
C ASN A 123 10.36 1.94 15.45
N GLY A 124 9.25 2.59 15.18
CA GLY A 124 9.03 3.93 15.69
C GLY A 124 9.80 4.99 14.91
N TYR A 125 9.86 4.83 13.60
CA TYR A 125 10.44 5.83 12.72
C TYR A 125 9.38 6.44 11.82
N LEU A 126 9.79 7.49 11.11
CA LEU A 126 8.98 8.19 10.12
C LEU A 126 9.81 8.35 8.86
N LEU A 127 9.22 8.01 7.69
CA LEU A 127 9.86 8.28 6.40
C LEU A 127 9.77 9.79 6.10
N THR A 128 10.93 10.44 5.91
CA THR A 128 10.97 11.89 5.82
C THR A 128 11.53 12.47 4.52
N ASN A 129 11.93 11.62 3.55
CA ASN A 129 12.33 12.11 2.23
C ASN A 129 12.22 10.96 1.25
N SER A 130 12.55 11.23 -0.01
CA SER A 130 12.34 10.25 -1.08
C SER A 130 13.22 9.02 -0.91
N PRO A 131 12.65 7.81 -0.99
CA PRO A 131 13.47 6.60 -1.05
C PRO A 131 14.51 6.65 -2.17
N ARG A 132 15.68 6.08 -1.88
CA ARG A 132 16.75 5.92 -2.87
C ARG A 132 16.98 4.45 -3.17
N GLU A 133 17.25 4.17 -4.45
CA GLU A 133 17.46 2.80 -4.94
C GLU A 133 18.84 2.80 -5.56
N SER A 134 19.83 2.24 -4.84
CA SER A 134 21.24 2.37 -5.17
C SER A 134 21.72 1.11 -5.87
N TYR A 135 22.18 1.28 -7.11
CA TYR A 135 22.56 0.15 -7.98
C TYR A 135 24.02 -0.16 -7.75
N ILE A 136 24.31 -1.39 -7.35
CA ILE A 136 25.67 -1.81 -7.01
C ILE A 136 26.19 -2.82 -8.03
N ASP A 137 25.63 -4.01 -8.00
CA ASP A 137 25.91 -5.08 -8.96
C ASP A 137 24.68 -5.36 -9.80
N GLY A 138 24.90 -5.63 -11.08
CA GLY A 138 23.79 -5.77 -12.02
C GLY A 138 24.32 -6.27 -13.34
N ILE A 139 23.55 -6.03 -14.41
CA ILE A 139 23.89 -6.58 -15.73
C ILE A 139 25.22 -6.04 -16.26
N TRP A 140 25.68 -4.88 -15.76
CA TRP A 140 26.97 -4.32 -16.13
C TRP A 140 28.18 -5.14 -15.66
N ASN A 141 28.02 -5.96 -14.61
CA ASN A 141 29.15 -6.67 -14.05
C ASN A 141 28.90 -8.12 -13.66
N LYS A 142 27.66 -8.60 -13.65
CA LYS A 142 27.35 -9.96 -13.25
C LYS A 142 26.23 -10.50 -14.15
N GLN A 143 26.49 -11.57 -14.88
CA GLN A 143 25.45 -12.14 -15.71
C GLN A 143 24.59 -13.15 -14.95
N ASP A 144 25.03 -13.62 -13.79
CA ASP A 144 24.16 -14.39 -12.92
C ASP A 144 23.30 -13.38 -12.19
N SER A 145 22.06 -13.19 -12.63
CA SER A 145 21.22 -12.16 -12.01
C SER A 145 20.88 -12.44 -10.56
N ALA A 146 21.08 -13.67 -10.07
CA ALA A 146 20.88 -13.90 -8.64
C ALA A 146 21.89 -13.14 -7.78
N GLU A 147 23.00 -12.69 -8.40
CA GLU A 147 24.04 -11.95 -7.70
C GLU A 147 23.96 -10.45 -7.88
N TRP A 148 22.93 -9.94 -8.54
CA TRP A 148 22.72 -8.50 -8.52
C TRP A 148 22.46 -7.99 -7.11
N MET A 149 22.87 -6.75 -6.87
N MET A 149 22.84 -6.75 -6.86
CA MET A 149 22.79 -6.12 -5.56
CA MET A 149 22.77 -6.16 -5.52
C MET A 149 22.31 -4.69 -5.74
C MET A 149 22.36 -4.71 -5.66
N THR A 150 21.27 -4.36 -4.99
CA THR A 150 20.66 -3.03 -5.02
C THR A 150 20.29 -2.70 -3.60
N GLU A 151 20.74 -1.53 -3.13
N GLU A 151 20.75 -1.54 -3.13
CA GLU A 151 20.47 -1.11 -1.76
CA GLU A 151 20.44 -1.14 -1.77
C GLU A 151 19.31 -0.12 -1.73
C GLU A 151 19.28 -0.15 -1.78
N ILE A 152 18.26 -0.46 -0.99
CA ILE A 152 17.08 0.42 -0.85
C ILE A 152 17.25 1.21 0.44
N GLN A 153 17.15 2.54 0.34
CA GLN A 153 17.47 3.46 1.43
C GLN A 153 16.26 4.36 1.71
N PHE A 154 15.68 4.22 2.91
CA PHE A 154 14.57 5.08 3.34
C PHE A 154 15.09 6.18 4.26
N PRO A 155 15.02 7.45 3.85
CA PRO A 155 15.38 8.55 4.77
C PRO A 155 14.39 8.58 5.93
N VAL A 156 14.91 8.53 7.16
CA VAL A 156 14.04 8.46 8.32
C VAL A 156 14.48 9.35 9.47
N GLU A 157 13.53 9.61 10.36
N GLU A 157 13.52 9.58 10.38
CA GLU A 157 13.82 10.16 11.67
CA GLU A 157 13.73 10.22 11.68
C GLU A 157 13.03 9.37 12.72
C GLU A 157 12.98 9.43 12.73
N LYS A 158 13.57 9.31 13.91
CA LYS A 158 12.94 8.59 15.01
C LYS A 158 11.76 9.40 15.52
N VAL A 159 10.66 8.73 15.80
CA VAL A 159 9.52 9.43 16.31
C VAL A 159 9.68 9.61 17.80
N MET B 2 -10.10 13.33 2.00
CA MET B 2 -8.75 13.67 2.36
C MET B 2 -7.79 13.43 1.22
N LEU B 3 -6.55 13.13 1.57
CA LEU B 3 -5.48 12.90 0.59
C LEU B 3 -4.94 11.51 0.96
N TYR B 4 -5.48 10.49 0.30
CA TYR B 4 -5.08 9.13 0.59
C TYR B 4 -3.68 8.87 0.03
N GLN B 5 -2.98 7.97 0.69
CA GLN B 5 -1.59 7.61 0.39
C GLN B 5 -1.45 6.10 0.39
N ALA B 6 -1.29 5.50 -0.79
CA ALA B 6 -1.21 4.04 -0.86
C ALA B 6 0.09 3.52 -0.28
N ALA B 7 -0.01 2.45 0.49
CA ALA B 7 1.13 1.70 1.00
C ALA B 7 0.91 0.26 0.58
N LEU B 8 1.97 -0.51 0.44
CA LEU B 8 1.86 -1.93 0.16
C LEU B 8 2.40 -2.68 1.38
N LYS B 9 1.65 -3.69 1.82
CA LYS B 9 2.11 -4.42 2.99
C LYS B 9 1.77 -5.90 2.91
N GLU B 10 2.46 -6.68 3.73
N GLU B 10 2.51 -6.69 3.67
CA GLU B 10 2.18 -8.10 3.90
CA GLU B 10 2.18 -8.09 3.90
C GLU B 10 1.52 -8.29 5.26
C GLU B 10 1.47 -8.17 5.24
N ILE B 11 0.28 -8.77 5.24
CA ILE B 11 -0.51 -8.94 6.46
C ILE B 11 -0.50 -10.42 6.81
N PRO B 12 0.05 -10.83 7.94
CA PRO B 12 0.17 -12.26 8.23
C PRO B 12 -1.18 -12.86 8.61
N GLU B 13 -1.24 -14.20 8.59
CA GLU B 13 -2.45 -14.90 9.00
C GLU B 13 -2.74 -14.58 10.46
N CYS B 14 -4.00 -14.63 10.80
CA CYS B 14 -4.40 -14.43 12.18
C CYS B 14 -5.58 -15.30 12.56
N ILE B 15 -5.74 -15.53 13.83
CA ILE B 15 -6.92 -16.19 14.37
C ILE B 15 -7.90 -15.11 14.77
N VAL B 16 -9.18 -15.25 14.39
CA VAL B 16 -10.19 -14.26 14.75
C VAL B 16 -11.41 -14.99 15.29
N TYR B 17 -12.21 -14.28 16.09
CA TYR B 17 -13.62 -14.63 16.15
C TYR B 17 -14.39 -13.71 15.20
N SER B 18 -15.57 -14.16 14.78
CA SER B 18 -16.21 -13.53 13.63
C SER B 18 -17.68 -13.86 13.58
N LYS B 19 -18.44 -12.97 12.90
CA LYS B 19 -19.84 -13.20 12.60
C LYS B 19 -20.15 -12.54 11.27
N ARG B 20 -20.87 -13.27 10.42
CA ARG B 20 -21.20 -12.85 9.07
C ARG B 20 -22.67 -12.51 8.98
N PHE B 21 -22.98 -11.48 8.21
CA PHE B 21 -24.31 -10.93 8.15
C PHE B 21 -24.59 -10.46 6.73
N ILE B 22 -25.89 -10.40 6.37
CA ILE B 22 -26.39 -9.54 5.31
C ILE B 22 -27.04 -8.33 5.97
N VAL B 23 -26.56 -7.14 5.63
CA VAL B 23 -26.96 -5.94 6.35
C VAL B 23 -27.65 -4.95 5.43
N PRO B 24 -28.69 -4.27 5.90
CA PRO B 24 -29.37 -3.30 5.03
C PRO B 24 -28.49 -2.13 4.67
N ASP B 25 -27.65 -1.68 5.60
CA ASP B 25 -26.75 -0.54 5.41
C ASP B 25 -25.71 -0.54 6.53
N PHE B 26 -24.75 0.39 6.43
CA PHE B 26 -23.63 0.43 7.37
C PHE B 26 -24.10 0.73 8.78
N SER B 27 -25.02 1.70 8.96
CA SER B 27 -25.48 2.04 10.31
C SER B 27 -26.13 0.83 10.97
N SER B 28 -26.93 0.08 10.21
CA SER B 28 -27.60 -1.09 10.78
C SER B 28 -26.59 -2.16 11.16
N TYR B 29 -25.55 -2.32 10.33
CA TYR B 29 -24.49 -3.28 10.62
C TYR B 29 -23.78 -2.96 11.93
N ILE B 30 -23.32 -1.72 12.08
CA ILE B 30 -22.44 -1.47 13.22
C ILE B 30 -23.19 -1.63 14.54
N LYS B 31 -24.52 -1.47 14.56
CA LYS B 31 -25.28 -1.75 15.78
C LYS B 31 -25.23 -3.21 16.18
N LEU B 32 -24.93 -4.09 15.24
CA LEU B 32 -24.82 -5.51 15.53
C LEU B 32 -23.44 -5.88 16.05
N ILE B 33 -22.47 -4.96 16.05
CA ILE B 33 -21.09 -5.30 16.41
C ILE B 33 -20.89 -5.43 17.92
N PRO B 34 -21.32 -4.50 18.77
CA PRO B 34 -20.98 -4.59 20.21
C PRO B 34 -21.34 -5.93 20.85
N PRO B 35 -22.49 -6.54 20.55
CA PRO B 35 -22.81 -7.81 21.22
C PRO B 35 -21.89 -8.97 20.87
N ILE B 36 -21.17 -8.92 19.74
CA ILE B 36 -20.35 -10.05 19.32
C ILE B 36 -19.22 -10.27 20.32
N GLY B 37 -18.45 -9.24 20.58
CA GLY B 37 -17.39 -9.35 21.57
C GLY B 37 -17.91 -9.72 22.94
N GLN B 38 -19.08 -9.20 23.31
CA GLN B 38 -19.59 -9.51 24.64
C GLN B 38 -19.91 -10.98 24.78
N GLU B 39 -20.62 -11.54 23.81
CA GLU B 39 -21.03 -12.94 23.89
C GLU B 39 -19.84 -13.88 23.77
N VAL B 40 -18.89 -13.60 22.86
CA VAL B 40 -17.76 -14.52 22.72
C VAL B 40 -16.90 -14.54 23.98
N MET B 41 -16.67 -13.37 24.59
CA MET B 41 -15.82 -13.29 25.78
C MET B 41 -16.50 -13.94 26.96
N LYS B 42 -17.82 -13.85 27.02
CA LYS B 42 -18.58 -14.50 28.09
C LYS B 42 -18.46 -16.01 27.99
N ALA B 43 -18.40 -16.54 26.78
CA ALA B 43 -18.32 -17.98 26.56
C ALA B 43 -16.90 -18.51 26.59
N ASN B 44 -15.89 -17.64 26.62
CA ASN B 44 -14.48 -18.04 26.54
C ASN B 44 -13.68 -17.23 27.54
N PRO B 45 -13.86 -17.50 28.82
CA PRO B 45 -12.98 -16.94 29.83
C PRO B 45 -11.53 -17.14 29.44
N GLY B 46 -10.73 -16.10 29.58
CA GLY B 46 -9.34 -16.20 29.22
C GLY B 46 -9.04 -15.90 27.77
N LEU B 47 -10.05 -15.78 26.91
CA LEU B 47 -9.79 -15.35 25.54
C LEU B 47 -9.13 -13.98 25.58
N THR B 48 -8.15 -13.78 24.70
N THR B 48 -8.10 -13.78 24.76
CA THR B 48 -7.29 -12.60 24.74
CA THR B 48 -7.34 -12.54 24.80
C THR B 48 -7.18 -11.99 23.35
C THR B 48 -7.13 -11.99 23.40
N LEU B 49 -7.48 -10.70 23.24
CA LEU B 49 -7.27 -10.00 21.97
C LEU B 49 -5.78 -9.89 21.69
N THR B 50 -5.42 -9.91 20.41
CA THR B 50 -4.02 -9.69 20.09
C THR B 50 -3.58 -8.26 20.45
N THR B 51 -2.29 -8.12 20.68
CA THR B 51 -1.64 -6.83 20.91
C THR B 51 -0.49 -6.73 19.91
N PRO B 52 -0.54 -5.82 18.92
CA PRO B 52 -1.61 -4.87 18.65
C PRO B 52 -2.89 -5.53 18.18
N ALA B 53 -3.97 -4.78 18.38
CA ALA B 53 -5.29 -5.24 17.98
C ALA B 53 -5.38 -5.28 16.47
N TYR B 54 -6.28 -6.14 15.99
CA TYR B 54 -6.63 -6.19 14.57
C TYR B 54 -8.10 -6.52 14.52
N CYS B 55 -8.91 -5.51 14.24
CA CYS B 55 -10.36 -5.59 14.25
C CYS B 55 -10.85 -5.02 12.93
N PHE B 56 -11.55 -5.85 12.13
CA PHE B 56 -11.85 -5.46 10.77
C PHE B 56 -13.11 -6.14 10.24
N THR B 57 -13.73 -5.47 9.28
CA THR B 57 -14.80 -6.06 8.48
C THR B 57 -14.23 -6.56 7.18
N LEU B 58 -14.64 -7.77 6.81
CA LEU B 58 -14.44 -8.29 5.47
C LEU B 58 -15.70 -8.01 4.66
N TYR B 59 -15.54 -7.35 3.50
CA TYR B 59 -16.64 -7.05 2.58
C TYR B 59 -16.59 -8.13 1.49
N HIS B 60 -17.51 -9.06 1.54
CA HIS B 60 -17.48 -10.25 0.68
C HIS B 60 -18.25 -10.11 -0.63
N ASP B 61 -18.92 -9.00 -0.86
CA ASP B 61 -19.66 -8.86 -2.11
C ASP B 61 -18.71 -8.85 -3.31
N LYS B 62 -19.21 -9.32 -4.46
CA LYS B 62 -18.42 -9.40 -5.66
C LYS B 62 -18.50 -8.16 -6.51
N GLU B 63 -19.18 -7.13 -6.00
CA GLU B 63 -19.19 -5.82 -6.65
C GLU B 63 -19.33 -4.79 -5.54
N TYR B 64 -19.08 -3.53 -5.88
CA TYR B 64 -19.24 -2.48 -4.90
C TYR B 64 -20.72 -2.28 -4.60
N LYS B 65 -21.06 -2.16 -3.32
CA LYS B 65 -22.41 -1.96 -2.83
C LYS B 65 -22.34 -1.14 -1.56
N GLU B 66 -23.42 -0.44 -1.25
CA GLU B 66 -23.58 0.22 0.05
C GLU B 66 -24.82 -0.24 0.81
N LYS B 67 -25.68 -1.04 0.20
CA LYS B 67 -26.87 -1.57 0.84
C LYS B 67 -26.98 -3.05 0.55
N ASN B 68 -27.63 -3.78 1.47
CA ASN B 68 -27.77 -5.22 1.32
C ASN B 68 -26.40 -5.88 1.11
N MET B 69 -25.47 -5.58 2.02
CA MET B 69 -24.08 -6.00 1.92
C MET B 69 -23.83 -7.28 2.70
N ASP B 70 -22.94 -8.11 2.15
CA ASP B 70 -22.44 -9.32 2.80
C ASP B 70 -21.13 -8.95 3.50
N VAL B 71 -21.18 -8.89 4.84
CA VAL B 71 -20.08 -8.41 5.65
C VAL B 71 -19.79 -9.41 6.74
N GLU B 72 -18.54 -9.43 7.19
CA GLU B 72 -18.11 -10.36 8.22
C GLU B 72 -17.21 -9.61 9.19
N PHE B 73 -17.69 -9.45 10.42
CA PHE B 73 -16.92 -8.76 11.44
C PHE B 73 -15.91 -9.73 12.04
N CYS B 74 -14.67 -9.29 12.15
CA CYS B 74 -13.59 -10.11 12.67
C CYS B 74 -12.78 -9.38 13.73
N GLU B 75 -12.35 -10.10 14.76
CA GLU B 75 -11.44 -9.52 15.76
C GLU B 75 -10.38 -10.54 16.14
N ALA B 76 -9.12 -10.16 16.00
CA ALA B 76 -8.02 -11.10 16.17
C ALA B 76 -7.76 -11.39 17.64
N VAL B 77 -7.51 -12.69 17.91
CA VAL B 77 -7.25 -13.22 19.24
C VAL B 77 -5.97 -14.05 19.21
N ASN B 78 -5.45 -14.34 20.40
CA ASN B 78 -4.19 -15.07 20.48
C ASN B 78 -4.40 -16.56 20.27
N ASP B 79 -5.57 -17.09 20.64
CA ASP B 79 -5.83 -18.51 20.57
C ASP B 79 -7.26 -18.77 20.10
N PHE B 80 -7.47 -19.94 19.51
CA PHE B 80 -8.83 -20.39 19.26
C PHE B 80 -9.58 -20.49 20.57
N GLY B 81 -10.89 -20.21 20.51
CA GLY B 81 -11.80 -20.52 21.59
C GLY B 81 -12.95 -21.37 21.08
N LYS B 82 -14.05 -21.42 21.84
CA LYS B 82 -15.23 -22.19 21.47
C LYS B 82 -16.21 -21.30 20.73
N ASN B 83 -16.67 -21.76 19.57
CA ASN B 83 -17.72 -21.04 18.87
C ASN B 83 -18.93 -20.87 19.79
N GLU B 84 -19.63 -19.74 19.63
CA GLU B 84 -20.79 -19.37 20.42
C GLU B 84 -21.88 -18.97 19.45
N GLY B 85 -22.91 -19.81 19.32
CA GLY B 85 -23.92 -19.56 18.31
C GLY B 85 -23.28 -19.42 16.94
N ASN B 86 -23.59 -18.32 16.26
CA ASN B 86 -23.02 -18.06 14.96
C ASN B 86 -21.76 -17.23 15.03
N ILE B 87 -21.21 -17.02 16.22
CA ILE B 87 -19.89 -16.41 16.37
C ILE B 87 -18.89 -17.56 16.28
N ILE B 88 -18.03 -17.52 15.26
CA ILE B 88 -17.16 -18.65 15.00
C ILE B 88 -15.71 -18.19 14.97
N PHE B 89 -14.81 -19.10 15.35
CA PHE B 89 -13.38 -18.87 15.23
C PHE B 89 -12.86 -19.42 13.90
N GLN B 90 -11.93 -18.70 13.28
CA GLN B 90 -11.34 -19.16 12.03
C GLN B 90 -9.98 -18.49 11.84
N VAL B 91 -9.17 -19.04 10.92
CA VAL B 91 -7.91 -18.44 10.53
C VAL B 91 -8.15 -17.62 9.28
N ILE B 92 -7.85 -16.33 9.35
CA ILE B 92 -7.94 -15.42 8.20
C ILE B 92 -6.57 -15.43 7.53
N PRO B 93 -6.48 -15.79 6.26
CA PRO B 93 -5.17 -16.06 5.68
C PRO B 93 -4.34 -14.81 5.46
N ALA B 94 -3.04 -15.03 5.31
CA ALA B 94 -2.13 -13.94 4.99
C ALA B 94 -2.43 -13.41 3.59
N ILE B 95 -2.22 -12.10 3.40
CA ILE B 95 -2.36 -11.47 2.09
C ILE B 95 -1.26 -10.44 1.88
N THR B 96 -1.04 -10.07 0.61
CA THR B 96 -0.40 -8.81 0.27
C THR B 96 -1.50 -7.81 -0.02
N ALA B 97 -1.44 -6.64 0.61
CA ALA B 97 -2.53 -5.65 0.50
C ALA B 97 -1.98 -4.29 0.10
N VAL B 98 -2.72 -3.56 -0.78
CA VAL B 98 -2.52 -2.12 -0.92
C VAL B 98 -3.52 -1.49 0.04
N THR B 99 -3.05 -0.49 0.80
CA THR B 99 -3.82 0.08 1.90
C THR B 99 -3.76 1.59 1.84
N VAL B 100 -4.81 2.20 2.40
CA VAL B 100 -4.83 3.62 2.72
C VAL B 100 -5.49 3.82 4.09
N ILE B 101 -5.17 4.94 4.73
CA ILE B 101 -5.80 5.35 5.96
C ILE B 101 -6.91 6.33 5.65
N HIS B 102 -8.09 6.03 6.10
CA HIS B 102 -9.22 6.96 6.06
C HIS B 102 -9.32 7.65 7.42
N LYS B 103 -9.16 8.97 7.44
N LYS B 103 -9.07 8.95 7.45
CA LYS B 103 -9.25 9.77 8.64
CA LYS B 103 -9.28 9.73 8.67
C LYS B 103 -10.64 10.41 8.72
C LYS B 103 -10.70 10.29 8.70
N GLY B 104 -11.24 10.36 9.92
CA GLY B 104 -12.54 10.95 10.15
C GLY B 104 -13.74 10.03 10.09
N PRO B 105 -14.92 10.63 10.08
CA PRO B 105 -16.17 9.84 10.17
C PRO B 105 -16.40 8.93 8.98
N TYR B 106 -17.31 8.00 9.20
CA TYR B 106 -17.49 6.89 8.26
C TYR B 106 -18.36 7.25 7.06
N ASP B 107 -19.04 8.40 7.08
CA ASP B 107 -19.90 8.75 5.95
C ASP B 107 -19.14 8.82 4.63
N SER B 108 -17.84 9.09 4.70
CA SER B 108 -17.01 9.27 3.51
C SER B 108 -16.04 8.12 3.25
N LEU B 109 -16.24 6.99 3.94
CA LEU B 109 -15.42 5.80 3.67
C LEU B 109 -15.39 5.45 2.19
N ARG B 110 -16.48 5.67 1.46
CA ARG B 110 -16.47 5.23 0.07
C ARG B 110 -15.32 5.83 -0.70
N ASN B 111 -14.87 7.03 -0.32
CA ASN B 111 -13.83 7.68 -1.10
C ASN B 111 -12.53 6.89 -1.05
N ALA B 112 -12.31 6.18 0.05
CA ALA B 112 -11.10 5.35 0.15
C ALA B 112 -11.18 4.14 -0.77
N TYR B 113 -12.38 3.54 -0.86
CA TYR B 113 -12.63 2.44 -1.80
C TYR B 113 -12.48 2.90 -3.24
N ILE B 114 -13.05 4.06 -3.59
CA ILE B 114 -12.82 4.61 -4.93
C ILE B 114 -11.33 4.74 -5.20
N TYR B 115 -10.60 5.36 -4.27
CA TYR B 115 -9.16 5.58 -4.45
C TYR B 115 -8.41 4.27 -4.69
N LEU B 116 -8.69 3.25 -3.87
CA LEU B 116 -7.93 2.01 -3.99
C LEU B 116 -8.30 1.25 -5.26
N MET B 117 -9.59 1.25 -5.64
N MET B 117 -9.56 1.26 -5.67
CA MET B 117 -9.99 0.62 -6.90
CA MET B 117 -9.87 0.57 -6.91
C MET B 117 -9.20 1.23 -8.05
C MET B 117 -9.17 1.23 -8.09
N GLN B 118 -9.06 2.57 -8.05
CA GLN B 118 -8.33 3.24 -9.12
C GLN B 118 -6.85 2.92 -9.06
N TRP B 119 -6.29 2.90 -7.84
CA TRP B 119 -4.87 2.58 -7.69
C TRP B 119 -4.55 1.21 -8.26
N VAL B 120 -5.38 0.23 -7.97
CA VAL B 120 -5.13 -1.13 -8.45
C VAL B 120 -5.14 -1.17 -9.96
N GLU B 121 -6.11 -0.50 -10.59
CA GLU B 121 -6.15 -0.43 -12.05
C GLU B 121 -4.90 0.25 -12.59
N ASP B 122 -4.50 1.38 -11.98
CA ASP B 122 -3.44 2.22 -12.52
C ASP B 122 -2.06 1.58 -12.37
N ASN B 123 -1.88 0.69 -11.40
CA ASN B 123 -0.56 0.17 -11.08
C ASN B 123 -0.39 -1.29 -11.46
N GLY B 124 -1.34 -1.87 -12.18
CA GLY B 124 -1.18 -3.21 -12.73
C GLY B 124 -1.35 -4.31 -11.71
N TYR B 125 -2.26 -4.11 -10.75
CA TYR B 125 -2.64 -5.13 -9.77
C TYR B 125 -4.06 -5.62 -10.05
N LEU B 126 -4.38 -6.73 -9.38
CA LEU B 126 -5.70 -7.35 -9.42
C LEU B 126 -6.16 -7.54 -7.98
N LEU B 127 -7.40 -7.17 -7.71
CA LEU B 127 -8.01 -7.48 -6.44
C LEU B 127 -8.35 -8.95 -6.37
N THR B 128 -7.81 -9.64 -5.36
CA THR B 128 -7.91 -11.09 -5.31
C THR B 128 -8.58 -11.68 -4.08
N ASN B 129 -9.04 -10.86 -3.15
CA ASN B 129 -9.86 -11.38 -2.07
C ASN B 129 -10.64 -10.20 -1.51
N SER B 130 -11.41 -10.48 -0.47
CA SER B 130 -12.33 -9.50 0.09
C SER B 130 -11.62 -8.30 0.73
N PRO B 131 -11.98 -7.06 0.37
CA PRO B 131 -11.42 -5.91 1.09
C PRO B 131 -11.66 -6.02 2.58
N ARG B 132 -10.69 -5.51 3.35
CA ARG B 132 -10.76 -5.41 4.80
C ARG B 132 -10.82 -3.95 5.24
N GLU B 133 -11.66 -3.70 6.21
CA GLU B 133 -11.83 -2.36 6.78
C GLU B 133 -11.43 -2.44 8.25
N SER B 134 -10.26 -1.94 8.57
CA SER B 134 -9.63 -2.14 9.87
C SER B 134 -9.80 -0.90 10.77
N TYR B 135 -10.45 -1.12 11.91
CA TYR B 135 -10.88 -0.03 12.80
C TYR B 135 -9.78 0.20 13.82
N ILE B 136 -9.23 1.42 13.84
CA ILE B 136 -8.08 1.74 14.67
C ILE B 136 -8.53 2.71 15.77
N ASP B 137 -8.86 3.94 15.39
CA ASP B 137 -9.36 4.92 16.34
C ASP B 137 -10.79 5.28 15.94
N GLY B 138 -11.63 5.53 16.93
CA GLY B 138 -13.05 5.75 16.68
C GLY B 138 -13.73 6.20 17.96
N ILE B 139 -15.05 6.02 18.00
CA ILE B 139 -15.82 6.57 19.12
C ILE B 139 -15.42 5.94 20.45
N TRP B 140 -14.80 4.74 20.43
CA TRP B 140 -14.32 4.08 21.62
C TRP B 140 -13.16 4.81 22.29
N ASN B 141 -12.41 5.65 21.58
CA ASN B 141 -11.25 6.30 22.17
C ASN B 141 -11.03 7.77 21.78
N LYS B 142 -11.79 8.32 20.82
CA LYS B 142 -11.61 9.70 20.40
C LYS B 142 -12.97 10.30 20.14
N GLN B 143 -13.34 11.31 20.90
CA GLN B 143 -14.62 11.94 20.65
C GLN B 143 -14.54 13.01 19.57
N ASP B 144 -13.33 13.42 19.16
CA ASP B 144 -13.17 14.30 18.02
C ASP B 144 -13.17 13.38 16.80
N SER B 145 -14.31 13.29 16.09
CA SER B 145 -14.41 12.32 15.00
C SER B 145 -13.47 12.63 13.84
N ALA B 146 -12.89 13.82 13.79
CA ALA B 146 -11.91 14.08 12.76
C ALA B 146 -10.65 13.24 12.97
N GLU B 147 -10.45 12.74 14.19
N GLU B 147 -10.43 12.71 14.17
CA GLU B 147 -9.30 11.95 14.58
CA GLU B 147 -9.24 11.92 14.44
C GLU B 147 -9.50 10.46 14.36
C GLU B 147 -9.53 10.43 14.44
N TRP B 148 -10.69 10.01 13.97
CA TRP B 148 -10.92 8.59 13.76
C TRP B 148 -9.99 8.10 12.66
N MET B 149 -9.60 6.84 12.76
N MET B 149 -9.60 6.84 12.75
CA MET B 149 -8.66 6.25 11.82
CA MET B 149 -8.64 6.27 11.81
C MET B 149 -9.13 4.85 11.48
C MET B 149 -9.05 4.85 11.47
N THR B 150 -9.22 4.57 10.18
CA THR B 150 -9.68 3.29 9.65
C THR B 150 -8.81 2.99 8.43
N GLU B 151 -8.17 1.81 8.41
N GLU B 151 -8.17 1.82 8.42
CA GLU B 151 -7.32 1.41 7.29
CA GLU B 151 -7.35 1.42 7.29
C GLU B 151 -8.08 0.47 6.36
C GLU B 151 -8.13 0.50 6.36
N ILE B 152 -8.19 0.86 5.09
CA ILE B 152 -8.83 0.02 4.08
C ILE B 152 -7.74 -0.78 3.40
N GLN B 153 -7.95 -2.07 3.27
CA GLN B 153 -6.93 -3.02 2.82
C GLN B 153 -7.46 -3.85 1.67
N PHE B 154 -6.88 -3.66 0.48
CA PHE B 154 -7.28 -4.44 -0.70
C PHE B 154 -6.29 -5.57 -0.90
N PRO B 155 -6.70 -6.83 -0.75
CA PRO B 155 -5.81 -7.97 -1.10
C PRO B 155 -5.57 -8.01 -2.59
N VAL B 156 -4.30 -8.03 -3.00
CA VAL B 156 -3.96 -7.91 -4.40
C VAL B 156 -2.82 -8.83 -4.78
N GLU B 157 -2.73 -9.07 -6.08
N GLU B 157 -2.73 -9.05 -6.09
CA GLU B 157 -1.58 -9.70 -6.70
CA GLU B 157 -1.62 -9.73 -6.75
C GLU B 157 -1.26 -8.93 -7.96
C GLU B 157 -1.26 -8.90 -7.96
N LYS B 158 0.03 -8.87 -8.28
CA LYS B 158 0.49 -8.17 -9.47
C LYS B 158 0.05 -8.95 -10.71
N VAL B 159 -0.44 -8.23 -11.71
CA VAL B 159 -0.76 -8.86 -12.99
C VAL B 159 0.54 -9.21 -13.72
N MET C 2 -21.74 26.26 16.63
CA MET C 2 -22.98 25.91 17.30
C MET C 2 -23.62 27.09 18.00
N LEU C 3 -24.82 27.44 17.53
CA LEU C 3 -25.63 28.49 18.13
C LEU C 3 -26.72 27.81 18.96
N TYR C 4 -26.44 27.67 20.25
CA TYR C 4 -27.38 27.08 21.20
C TYR C 4 -28.58 27.99 21.37
N GLN C 5 -29.75 27.37 21.50
CA GLN C 5 -31.03 28.05 21.65
C GLN C 5 -31.82 27.45 22.81
N ALA C 6 -31.92 28.18 23.91
CA ALA C 6 -32.58 27.65 25.10
C ALA C 6 -34.09 27.52 24.86
N ALA C 7 -34.63 26.39 25.30
CA ALA C 7 -36.08 26.18 25.37
C ALA C 7 -36.42 25.77 26.79
N LEU C 8 -37.62 26.03 27.23
CA LEU C 8 -38.08 25.60 28.53
C LEU C 8 -39.18 24.57 28.32
N LYS C 9 -39.10 23.45 29.05
CA LYS C 9 -40.03 22.35 28.88
C LYS C 9 -40.37 21.67 30.21
N GLU C 10 -41.53 21.02 30.23
CA GLU C 10 -41.92 20.09 31.27
C GLU C 10 -41.68 18.69 30.75
N ILE C 11 -40.80 17.95 31.41
CA ILE C 11 -40.47 16.60 31.02
C ILE C 11 -41.22 15.67 31.98
N PRO C 12 -42.18 14.88 31.50
CA PRO C 12 -42.96 14.03 32.42
C PRO C 12 -42.12 12.91 33.00
N GLU C 13 -42.65 12.31 34.07
CA GLU C 13 -42.01 11.13 34.64
C GLU C 13 -41.96 10.01 33.60
N CYS C 14 -40.96 9.15 33.72
CA CYS C 14 -40.81 8.01 32.82
C CYS C 14 -40.29 6.81 33.61
N ILE C 15 -40.56 5.64 33.10
CA ILE C 15 -39.95 4.41 33.58
C ILE C 15 -38.74 4.14 32.75
N VAL C 16 -37.63 3.77 33.39
CA VAL C 16 -36.39 3.46 32.69
C VAL C 16 -35.80 2.17 33.25
N TYR C 17 -34.92 1.55 32.47
CA TYR C 17 -33.86 0.75 33.04
C TYR C 17 -32.61 1.62 33.10
N SER C 18 -31.75 1.32 34.07
CA SER C 18 -30.65 2.22 34.38
C SER C 18 -29.49 1.48 35.04
N LYS C 19 -28.31 2.05 34.91
CA LYS C 19 -27.16 1.60 35.68
C LYS C 19 -26.29 2.81 35.99
N ARG C 20 -25.79 2.83 37.21
CA ARG C 20 -24.97 3.94 37.72
C ARG C 20 -23.52 3.56 37.88
N PHE C 21 -22.59 4.37 37.41
CA PHE C 21 -21.17 4.08 37.46
C PHE C 21 -20.34 5.29 37.84
N ILE C 22 -19.14 5.04 38.32
CA ILE C 22 -18.13 6.05 38.41
C ILE C 22 -17.21 5.74 37.21
N VAL C 23 -17.04 6.73 36.31
CA VAL C 23 -16.30 6.48 35.07
C VAL C 23 -15.07 7.35 34.97
N PRO C 24 -13.98 6.83 34.41
CA PRO C 24 -12.77 7.64 34.34
C PRO C 24 -12.93 8.84 33.44
N ASP C 25 -13.66 8.69 32.35
CA ASP C 25 -13.84 9.73 31.35
C ASP C 25 -15.01 9.31 30.45
N PHE C 26 -15.35 10.19 29.52
CA PHE C 26 -16.55 9.97 28.69
C PHE C 26 -16.36 8.79 27.73
N SER C 27 -15.18 8.68 27.10
CA SER C 27 -15.00 7.57 26.16
C SER C 27 -15.08 6.23 26.89
N SER C 28 -14.50 6.16 28.11
CA SER C 28 -14.58 4.92 28.87
C SER C 28 -16.02 4.63 29.22
N TYR C 29 -16.79 5.66 29.56
CA TYR C 29 -18.20 5.47 29.89
C TYR C 29 -18.99 4.90 28.74
N ILE C 30 -18.85 5.48 27.55
CA ILE C 30 -19.75 5.06 26.50
C ILE C 30 -19.46 3.64 26.06
N LYS C 31 -18.22 3.13 26.23
CA LYS C 31 -17.96 1.72 25.96
C LYS C 31 -18.78 0.80 26.85
N LEU C 32 -19.18 1.28 28.02
CA LEU C 32 -19.98 0.53 28.97
C LEU C 32 -21.47 0.54 28.65
N ILE C 33 -21.92 1.36 27.71
CA ILE C 33 -23.34 1.50 27.47
C ILE C 33 -23.94 0.32 26.70
N PRO C 34 -23.37 -0.14 25.59
CA PRO C 34 -24.04 -1.21 24.81
C PRO C 34 -24.37 -2.44 25.64
N PRO C 35 -23.50 -2.90 26.55
CA PRO C 35 -23.84 -4.12 27.30
C PRO C 35 -25.05 -3.97 28.20
N ILE C 36 -25.46 -2.74 28.56
CA ILE C 36 -26.58 -2.57 29.47
C ILE C 36 -27.88 -3.02 28.82
N GLY C 37 -28.15 -2.50 27.62
CA GLY C 37 -29.34 -2.89 26.92
C GLY C 37 -29.31 -4.36 26.54
N GLN C 38 -28.11 -4.85 26.19
N GLN C 38 -28.15 -4.87 26.13
CA GLN C 38 -27.93 -6.27 25.89
CA GLN C 38 -28.12 -6.28 25.74
C GLN C 38 -28.42 -7.12 27.06
C GLN C 38 -28.48 -7.16 26.93
N GLU C 39 -27.86 -6.86 28.25
N GLU C 39 -27.96 -6.82 28.12
CA GLU C 39 -28.15 -7.70 29.41
CA GLU C 39 -28.17 -7.67 29.28
C GLU C 39 -29.59 -7.56 29.88
C GLU C 39 -29.60 -7.55 29.81
N VAL C 40 -30.14 -6.33 29.84
CA VAL C 40 -31.50 -6.18 30.34
C VAL C 40 -32.52 -6.80 29.41
N MET C 41 -32.26 -6.78 28.09
CA MET C 41 -33.24 -7.32 27.16
C MET C 41 -33.19 -8.84 27.20
N LYS C 42 -32.01 -9.42 27.38
CA LYS C 42 -31.96 -10.87 27.50
C LYS C 42 -32.69 -11.34 28.75
N ALA C 43 -32.73 -10.53 29.79
CA ALA C 43 -33.44 -10.92 31.00
C ALA C 43 -34.93 -10.60 30.95
N ASN C 44 -35.37 -9.82 29.96
CA ASN C 44 -36.73 -9.29 29.89
C ASN C 44 -37.24 -9.36 28.46
N PRO C 45 -37.57 -10.54 27.98
N PRO C 45 -37.57 -10.55 27.99
CA PRO C 45 -37.83 -10.69 26.53
CA PRO C 45 -38.25 -10.68 26.70
C PRO C 45 -38.87 -9.75 25.93
C PRO C 45 -39.57 -9.93 26.70
N GLY C 46 -39.94 -9.40 26.65
N GLY C 46 -39.86 -9.28 25.59
CA GLY C 46 -41.01 -8.60 26.08
CA GLY C 46 -41.00 -8.41 25.49
C GLY C 46 -40.90 -7.13 26.38
C GLY C 46 -40.78 -6.99 25.97
N LEU C 47 -39.69 -6.68 26.68
CA LEU C 47 -39.45 -5.31 27.11
C LEU C 47 -39.47 -4.42 25.87
N THR C 48 -40.12 -3.27 26.00
N THR C 48 -40.19 -3.31 25.95
CA THR C 48 -40.45 -2.38 24.88
CA THR C 48 -40.37 -2.42 24.81
C THR C 48 -39.94 -0.96 25.20
C THR C 48 -39.92 -1.01 25.19
N LEU C 49 -39.06 -0.44 24.35
CA LEU C 49 -38.66 0.96 24.48
C LEU C 49 -39.84 1.89 24.17
N THR C 50 -39.85 3.03 24.86
CA THR C 50 -40.88 4.00 24.56
C THR C 50 -40.73 4.52 23.15
N THR C 51 -41.84 4.97 22.61
CA THR C 51 -41.91 5.62 21.29
C THR C 51 -42.64 6.93 21.52
N PRO C 52 -41.98 8.08 21.41
CA PRO C 52 -40.58 8.27 21.01
C PRO C 52 -39.63 7.79 22.11
N ALA C 53 -38.41 7.48 21.68
CA ALA C 53 -37.38 7.04 22.60
C ALA C 53 -36.97 8.19 23.54
N TYR C 54 -36.47 7.80 24.71
CA TYR C 54 -35.85 8.78 25.63
C TYR C 54 -34.71 8.06 26.33
N CYS C 55 -33.49 8.34 25.87
CA CYS C 55 -32.29 7.67 26.29
C CYS C 55 -31.31 8.73 26.72
N PHE C 56 -30.89 8.68 28.00
CA PHE C 56 -30.17 9.81 28.56
C PHE C 56 -29.27 9.40 29.71
N THR C 57 -28.20 10.16 29.88
CA THR C 57 -27.32 10.08 31.05
C THR C 57 -27.73 11.14 32.06
N LEU C 58 -27.85 10.74 33.29
CA LEU C 58 -27.91 11.65 34.42
C LEU C 58 -26.52 11.87 34.99
N TYR C 59 -26.10 13.14 35.07
CA TYR C 59 -24.80 13.49 35.64
C TYR C 59 -25.05 13.96 37.08
N HIS C 60 -24.71 13.09 38.04
CA HIS C 60 -25.03 13.26 39.45
C HIS C 60 -23.98 13.99 40.28
N ASP C 61 -22.85 14.40 39.70
CA ASP C 61 -21.84 15.10 40.46
C ASP C 61 -22.40 16.42 40.98
N LYS C 62 -21.84 16.89 42.08
CA LYS C 62 -22.28 18.14 42.65
C LYS C 62 -21.48 19.32 42.17
N GLU C 63 -20.55 19.09 41.25
CA GLU C 63 -19.87 20.18 40.58
C GLU C 63 -19.60 19.68 39.17
N TYR C 64 -19.14 20.60 38.34
CA TYR C 64 -18.76 20.22 36.98
C TYR C 64 -17.48 19.42 36.98
N LYS C 65 -17.47 18.31 36.23
N LYS C 65 -17.46 18.29 36.26
CA LYS C 65 -16.33 17.43 36.12
CA LYS C 65 -16.30 17.41 36.17
C LYS C 65 -16.29 16.86 34.72
C LYS C 65 -16.31 16.74 34.80
N GLU C 66 -15.12 16.40 34.30
CA GLU C 66 -15.00 15.59 33.08
C GLU C 66 -14.28 14.27 33.28
N LYS C 67 -13.70 14.04 34.44
CA LYS C 67 -13.06 12.78 34.76
C LYS C 67 -13.56 12.33 36.12
N ASN C 68 -13.57 11.00 36.31
CA ASN C 68 -14.05 10.40 37.56
C ASN C 68 -15.48 10.85 37.86
N MET C 69 -16.35 10.69 36.87
CA MET C 69 -17.70 11.21 36.94
C MET C 69 -18.69 10.18 37.45
N ASP C 70 -19.67 10.65 38.22
CA ASP C 70 -20.78 9.84 38.72
C ASP C 70 -21.93 9.99 37.73
N VAL C 71 -22.19 8.93 36.96
CA VAL C 71 -23.14 8.98 35.84
C VAL C 71 -24.10 7.83 35.95
N GLU C 72 -25.30 8.02 35.40
CA GLU C 72 -26.33 6.98 35.41
C GLU C 72 -26.98 6.95 34.02
N PHE C 73 -26.76 5.85 33.31
CA PHE C 73 -27.37 5.66 32.02
C PHE C 73 -28.80 5.20 32.19
N CYS C 74 -29.71 5.82 31.46
CA CYS C 74 -31.15 5.53 31.55
C CYS C 74 -31.72 5.38 30.14
N GLU C 75 -32.60 4.41 29.98
CA GLU C 75 -33.35 4.25 28.73
C GLU C 75 -34.83 4.00 29.06
N ALA C 76 -35.70 4.81 28.50
CA ALA C 76 -37.11 4.74 28.85
C ALA C 76 -37.83 3.58 28.16
N VAL C 77 -38.67 2.89 28.94
CA VAL C 77 -39.41 1.71 28.52
C VAL C 77 -40.86 1.85 28.96
N ASN C 78 -41.72 0.98 28.44
CA ASN C 78 -43.14 1.08 28.77
C ASN C 78 -43.53 0.45 30.10
N ASP C 79 -42.76 -0.49 30.65
N ASP C 79 -42.73 -0.45 30.66
CA ASP C 79 -43.09 -1.08 31.95
CA ASP C 79 -43.08 -1.16 31.89
C ASP C 79 -41.81 -1.44 32.68
C ASP C 79 -41.82 -1.50 32.67
N PHE C 80 -41.93 -1.62 34.00
CA PHE C 80 -40.84 -2.20 34.78
C PHE C 80 -40.65 -3.63 34.31
N GLY C 81 -39.42 -4.10 34.38
CA GLY C 81 -39.15 -5.49 34.22
C GLY C 81 -38.36 -6.00 35.41
N LYS C 82 -37.60 -7.03 35.19
CA LYS C 82 -36.80 -7.63 36.19
C LYS C 82 -35.38 -7.05 36.21
N ASN C 83 -34.94 -6.63 37.35
CA ASN C 83 -33.57 -6.14 37.53
C ASN C 83 -32.56 -7.26 37.25
N GLU C 84 -31.40 -6.87 36.73
CA GLU C 84 -30.38 -7.81 36.28
C GLU C 84 -29.06 -7.24 36.77
N GLY C 85 -28.47 -7.88 37.77
CA GLY C 85 -27.36 -7.29 38.48
C GLY C 85 -27.67 -5.88 38.95
N ASN C 86 -26.78 -4.96 38.61
CA ASN C 86 -26.89 -3.57 38.97
C ASN C 86 -27.66 -2.77 37.92
N ILE C 87 -28.30 -3.45 36.97
CA ILE C 87 -29.23 -2.79 36.08
C ILE C 87 -30.61 -2.82 36.72
N ILE C 88 -31.17 -1.64 37.02
CA ILE C 88 -32.42 -1.56 37.75
C ILE C 88 -33.45 -0.74 36.97
N PHE C 89 -34.72 -1.13 37.13
CA PHE C 89 -35.83 -0.35 36.64
C PHE C 89 -36.23 0.65 37.74
N GLN C 90 -36.52 1.88 37.32
CA GLN C 90 -36.96 2.89 38.25
C GLN C 90 -37.77 3.96 37.51
N VAL C 91 -38.48 4.76 38.29
CA VAL C 91 -39.14 5.95 37.77
C VAL C 91 -38.25 7.16 37.91
N ILE C 92 -38.04 7.87 36.81
CA ILE C 92 -37.30 9.12 36.81
C ILE C 92 -38.32 10.25 36.91
N PRO C 93 -38.25 11.10 37.92
CA PRO C 93 -39.35 12.05 38.13
C PRO C 93 -39.45 13.13 37.06
N ALA C 94 -40.62 13.74 37.04
CA ALA C 94 -40.90 14.87 36.20
C ALA C 94 -40.11 16.08 36.68
N ILE C 95 -39.70 16.89 35.71
CA ILE C 95 -38.95 18.10 35.96
C ILE C 95 -39.41 19.20 35.00
N THR C 96 -39.15 20.43 35.40
CA THR C 96 -39.10 21.55 34.49
C THR C 96 -37.64 21.74 34.11
N ALA C 97 -37.36 21.81 32.81
CA ALA C 97 -35.98 21.85 32.34
C ALA C 97 -35.78 22.98 31.35
N VAL C 98 -34.62 23.64 31.42
CA VAL C 98 -34.13 24.46 30.32
C VAL C 98 -33.22 23.57 29.50
N THR C 99 -33.38 23.60 28.19
CA THR C 99 -32.68 22.65 27.33
C THR C 99 -32.08 23.36 26.14
N VAL C 100 -31.03 22.72 25.58
CA VAL C 100 -30.48 23.12 24.30
C VAL C 100 -30.12 21.87 23.52
N ILE C 101 -30.09 21.99 22.21
CA ILE C 101 -29.63 20.92 21.34
C ILE C 101 -28.14 21.15 21.00
N HIS C 102 -27.35 20.14 21.24
CA HIS C 102 -25.96 20.09 20.79
C HIS C 102 -25.88 19.28 19.51
N LYS C 103 -25.48 19.93 18.41
N LYS C 103 -25.55 19.96 18.40
CA LYS C 103 -25.33 19.27 17.11
CA LYS C 103 -25.28 19.26 17.14
C LYS C 103 -23.87 18.90 16.92
C LYS C 103 -23.83 18.83 17.06
N GLY C 104 -23.61 17.68 16.47
CA GLY C 104 -22.26 17.26 16.18
C GLY C 104 -21.62 16.32 17.18
N PRO C 105 -20.32 16.08 16.98
CA PRO C 105 -19.61 15.11 17.81
C PRO C 105 -19.56 15.52 19.28
N TYR C 106 -19.22 14.55 20.13
CA TYR C 106 -19.32 14.71 21.59
C TYR C 106 -18.13 15.43 22.21
N ASP C 107 -17.05 15.67 21.44
CA ASP C 107 -15.87 16.36 21.99
C ASP C 107 -16.21 17.76 22.51
N SER C 108 -17.22 18.39 21.92
CA SER C 108 -17.62 19.75 22.25
C SER C 108 -18.87 19.84 23.13
N LEU C 109 -19.33 18.70 23.69
CA LEU C 109 -20.52 18.75 24.55
C LEU C 109 -20.41 19.77 25.67
N ARG C 110 -19.22 19.95 26.23
CA ARG C 110 -19.07 20.85 27.36
C ARG C 110 -19.61 22.25 27.04
N ASN C 111 -19.53 22.68 25.76
CA ASN C 111 -20.00 24.01 25.40
C ASN C 111 -21.49 24.20 25.69
N ALA C 112 -22.27 23.14 25.53
CA ALA C 112 -23.69 23.19 25.85
C ALA C 112 -23.94 23.35 27.35
N TYR C 113 -23.12 22.66 28.18
CA TYR C 113 -23.21 22.81 29.63
C TYR C 113 -22.82 24.22 30.05
N ILE C 114 -21.74 24.76 29.46
CA ILE C 114 -21.33 26.14 29.73
C ILE C 114 -22.48 27.09 29.43
N TYR C 115 -23.11 26.89 28.28
CA TYR C 115 -24.18 27.74 27.82
C TYR C 115 -25.35 27.70 28.80
N LEU C 116 -25.77 26.49 29.20
CA LEU C 116 -26.93 26.36 30.07
C LEU C 116 -26.66 26.91 31.45
N MET C 117 -25.49 26.69 32.00
N MET C 117 -25.46 26.66 32.00
N MET C 117 -25.47 26.66 32.00
CA MET C 117 -25.30 27.26 33.33
CA MET C 117 -25.08 27.21 33.32
CA MET C 117 -25.15 27.22 33.31
C MET C 117 -25.36 28.78 33.27
C MET C 117 -25.22 28.72 33.30
C MET C 117 -25.26 28.73 33.29
N GLN C 118 -24.78 29.36 32.22
CA GLN C 118 -24.87 30.80 32.11
C GLN C 118 -26.32 31.25 31.94
N TRP C 119 -27.11 30.52 31.16
CA TRP C 119 -28.50 30.89 30.97
C TRP C 119 -29.22 30.89 32.32
N VAL C 120 -29.01 29.86 33.12
CA VAL C 120 -29.65 29.74 34.43
C VAL C 120 -29.34 30.96 35.27
N GLU C 121 -28.07 31.35 35.33
CA GLU C 121 -27.68 32.53 36.09
C GLU C 121 -28.34 33.78 35.54
N ASP C 122 -28.31 33.95 34.23
CA ASP C 122 -28.73 35.19 33.59
C ASP C 122 -30.24 35.37 33.67
N ASN C 123 -31.00 34.28 33.77
CA ASN C 123 -32.46 34.34 33.72
C ASN C 123 -33.17 34.10 35.04
N GLY C 124 -32.43 34.06 36.14
CA GLY C 124 -33.01 33.99 37.47
C GLY C 124 -33.58 32.63 37.78
N TYR C 125 -32.92 31.57 37.33
CA TYR C 125 -33.24 30.20 37.69
C TYR C 125 -32.16 29.62 38.61
N LEU C 126 -32.45 28.44 39.12
CA LEU C 126 -31.57 27.65 39.95
C LEU C 126 -31.60 26.23 39.43
N LEU C 127 -30.44 25.60 39.32
CA LEU C 127 -30.34 24.20 38.94
C LEU C 127 -30.66 23.36 40.16
N THR C 128 -31.69 22.51 40.04
CA THR C 128 -32.26 21.82 41.20
C THR C 128 -32.17 20.30 41.13
N ASN C 129 -31.59 19.72 40.09
CA ASN C 129 -31.36 18.29 40.05
C ASN C 129 -30.32 18.00 38.99
N SER C 130 -30.08 16.73 38.76
CA SER C 130 -29.00 16.29 37.91
C SER C 130 -29.25 16.62 36.44
N PRO C 131 -28.31 17.28 35.76
CA PRO C 131 -28.43 17.43 34.30
C PRO C 131 -28.62 16.12 33.57
N ARG C 132 -29.43 16.15 32.51
CA ARG C 132 -29.68 15.00 31.64
C ARG C 132 -29.08 15.28 30.25
N GLU C 133 -28.53 14.24 29.65
CA GLU C 133 -27.89 14.30 28.33
C GLU C 133 -28.62 13.28 27.47
N SER C 134 -29.53 13.76 26.63
CA SER C 134 -30.47 12.90 25.90
C SER C 134 -29.99 12.67 24.47
N TYR C 135 -29.70 11.40 24.15
CA TYR C 135 -29.07 10.97 22.89
C TYR C 135 -30.19 10.76 21.87
N ILE C 136 -30.17 11.54 20.79
CA ILE C 136 -31.21 11.49 19.76
C ILE C 136 -30.67 10.88 18.48
N ASP C 137 -29.78 11.58 17.82
CA ASP C 137 -29.12 11.09 16.60
C ASP C 137 -27.63 10.93 16.89
N GLY C 138 -27.03 9.89 16.31
CA GLY C 138 -25.68 9.52 16.67
C GLY C 138 -25.20 8.44 15.73
N ILE C 139 -24.13 7.74 16.15
CA ILE C 139 -23.48 6.76 15.27
C ILE C 139 -24.42 5.61 14.93
N TRP C 140 -25.48 5.41 15.71
CA TRP C 140 -26.47 4.38 15.46
C TRP C 140 -27.32 4.67 14.22
N ASN C 141 -27.44 5.92 13.81
CA ASN C 141 -28.33 6.27 12.71
C ASN C 141 -27.78 7.27 11.69
N LYS C 142 -26.64 7.92 11.97
CA LYS C 142 -26.11 8.94 11.08
C LYS C 142 -24.59 8.81 11.08
N GLN C 143 -24.01 8.49 9.93
CA GLN C 143 -22.56 8.45 9.89
C GLN C 143 -21.93 9.80 9.67
N ASP C 144 -22.68 10.80 9.20
CA ASP C 144 -22.15 12.16 9.19
C ASP C 144 -22.31 12.68 10.62
N SER C 145 -21.22 12.70 11.37
CA SER C 145 -21.24 13.13 12.78
C SER C 145 -21.62 14.58 12.92
N ALA C 146 -21.55 15.39 11.85
CA ALA C 146 -22.10 16.74 11.99
C ALA C 146 -23.61 16.76 12.23
N GLU C 147 -24.31 15.67 11.93
CA GLU C 147 -25.74 15.58 12.08
C GLU C 147 -26.16 14.89 13.36
N TRP C 148 -25.22 14.54 14.22
CA TRP C 148 -25.60 14.03 15.53
C TRP C 148 -26.35 15.10 16.33
N MET C 149 -27.29 14.63 17.14
N MET C 149 -27.27 14.64 17.18
CA MET C 149 -28.12 15.50 17.97
CA MET C 149 -28.15 15.53 17.95
C MET C 149 -28.23 14.95 19.39
C MET C 149 -28.29 14.98 19.37
N THR C 150 -27.95 15.80 20.36
CA THR C 150 -27.99 15.46 21.77
C THR C 150 -28.59 16.64 22.51
N GLU C 151 -29.61 16.39 23.32
N GLU C 151 -29.64 16.41 23.27
CA GLU C 151 -30.30 17.45 24.06
CA GLU C 151 -30.28 17.48 24.04
C GLU C 151 -29.84 17.48 25.51
C GLU C 151 -29.80 17.48 25.48
N ILE C 152 -29.27 18.59 25.93
CA ILE C 152 -28.85 18.77 27.33
C ILE C 152 -29.99 19.43 28.08
N GLN C 153 -30.34 18.86 29.23
CA GLN C 153 -31.54 19.28 29.97
C GLN C 153 -31.15 19.57 31.41
N PHE C 154 -31.33 20.84 31.83
CA PHE C 154 -31.02 21.27 33.18
C PHE C 154 -32.32 21.39 33.99
N PRO C 155 -32.53 20.55 34.99
CA PRO C 155 -33.70 20.71 35.86
C PRO C 155 -33.59 21.98 36.68
N VAL C 156 -34.61 22.82 36.58
CA VAL C 156 -34.55 24.14 37.19
C VAL C 156 -35.83 24.52 37.90
N GLU C 157 -35.68 25.52 38.75
N GLU C 157 -35.67 25.52 38.75
CA GLU C 157 -36.82 26.24 39.29
CA GLU C 157 -36.76 26.25 39.40
C GLU C 157 -36.49 27.72 39.27
C GLU C 157 -36.46 27.74 39.31
N LYS C 158 -37.52 28.53 39.14
CA LYS C 158 -37.35 29.98 39.12
C LYS C 158 -37.06 30.46 40.53
N VAL C 159 -36.08 31.35 40.65
CA VAL C 159 -35.74 31.98 41.92
C VAL C 159 -36.81 32.99 42.28
N MET D 2 18.60 -25.89 -19.69
CA MET D 2 17.18 -26.03 -19.92
C MET D 2 16.83 -27.34 -20.62
N LEU D 3 15.71 -27.33 -21.35
CA LEU D 3 15.36 -28.36 -22.32
C LEU D 3 15.33 -27.63 -23.67
N TYR D 4 16.50 -27.53 -24.29
CA TYR D 4 16.64 -26.91 -25.60
C TYR D 4 15.96 -27.79 -26.65
N GLN D 5 15.37 -27.15 -27.64
CA GLN D 5 14.63 -27.80 -28.71
C GLN D 5 15.10 -27.26 -30.05
N ALA D 6 15.87 -28.06 -30.79
CA ALA D 6 16.36 -27.60 -32.08
C ALA D 6 15.23 -27.38 -33.10
N ALA D 7 15.31 -26.27 -33.82
CA ALA D 7 14.47 -25.96 -34.98
C ALA D 7 15.39 -25.68 -36.15
N LEU D 8 14.99 -26.00 -37.35
CA LEU D 8 15.73 -25.61 -38.55
C LEU D 8 14.96 -24.54 -39.30
N LYS D 9 15.67 -23.48 -39.69
CA LYS D 9 14.99 -22.37 -40.34
C LYS D 9 15.83 -21.77 -41.44
N GLU D 10 15.15 -21.09 -42.36
CA GLU D 10 15.80 -20.22 -43.34
C GLU D 10 15.64 -18.78 -42.86
N ILE D 11 16.77 -18.13 -42.57
CA ILE D 11 16.76 -16.75 -42.10
C ILE D 11 17.07 -15.88 -43.30
N PRO D 12 16.14 -15.03 -43.75
CA PRO D 12 16.40 -14.20 -44.94
C PRO D 12 17.48 -13.16 -44.69
N GLU D 13 18.00 -12.62 -45.78
CA GLU D 13 19.00 -11.57 -45.68
C GLU D 13 18.31 -10.35 -45.08
N CYS D 14 19.10 -9.54 -44.40
CA CYS D 14 18.60 -8.31 -43.77
C CYS D 14 19.65 -7.22 -43.87
N ILE D 15 19.18 -6.00 -43.71
CA ILE D 15 20.01 -4.82 -43.63
C ILE D 15 20.20 -4.52 -42.16
N VAL D 16 21.41 -4.29 -41.73
CA VAL D 16 21.68 -3.91 -40.38
C VAL D 16 22.71 -2.73 -40.28
N TYR D 17 22.67 -2.05 -39.16
CA TYR D 17 23.78 -1.25 -38.71
C TYR D 17 24.55 -2.17 -37.70
N SER D 18 25.83 -1.96 -37.57
CA SER D 18 26.66 -2.92 -36.84
C SER D 18 27.96 -2.26 -36.38
N LYS D 19 28.54 -2.85 -35.34
N LYS D 19 28.55 -2.84 -35.34
CA LYS D 19 29.85 -2.44 -34.86
CA LYS D 19 29.88 -2.43 -34.92
C LYS D 19 30.58 -3.66 -34.32
C LYS D 19 30.57 -3.66 -34.37
N ARG D 20 31.83 -3.81 -34.73
CA ARG D 20 32.66 -4.97 -34.39
C ARG D 20 33.70 -4.59 -33.36
N PHE D 21 33.98 -5.52 -32.46
CA PHE D 21 34.82 -5.29 -31.31
C PHE D 21 35.60 -6.54 -30.98
N ILE D 22 36.73 -6.37 -30.30
CA ILE D 22 37.38 -7.40 -29.52
C ILE D 22 37.08 -7.07 -28.07
N VAL D 23 36.45 -8.01 -27.36
CA VAL D 23 35.93 -7.71 -26.02
C VAL D 23 36.53 -8.59 -24.94
N PRO D 24 36.81 -8.07 -23.77
CA PRO D 24 37.43 -8.92 -22.73
C PRO D 24 36.51 -10.02 -22.26
N ASP D 25 35.22 -9.74 -22.19
CA ASP D 25 34.25 -10.69 -21.70
C ASP D 25 32.88 -10.14 -22.06
N PHE D 26 31.86 -10.95 -21.79
CA PHE D 26 30.49 -10.60 -22.20
C PHE D 26 29.98 -9.36 -21.48
N SER D 27 30.22 -9.22 -20.18
CA SER D 27 29.73 -8.05 -19.45
C SER D 27 30.36 -6.78 -19.99
N SER D 28 31.66 -6.82 -20.31
CA SER D 28 32.32 -5.64 -20.91
C SER D 28 31.71 -5.30 -22.27
N TYR D 29 31.39 -6.33 -23.06
CA TYR D 29 30.79 -6.12 -24.37
C TYR D 29 29.46 -5.42 -24.28
N ILE D 30 28.55 -5.95 -23.48
CA ILE D 30 27.18 -5.43 -23.52
C ILE D 30 27.14 -3.98 -23.04
N LYS D 31 28.10 -3.54 -22.23
CA LYS D 31 28.13 -2.12 -21.87
C LYS D 31 28.41 -1.21 -23.06
N LEU D 32 29.00 -1.76 -24.12
CA LEU D 32 29.29 -1.03 -25.33
C LEU D 32 28.09 -0.93 -26.25
N ILE D 33 27.02 -1.66 -25.97
CA ILE D 33 25.91 -1.75 -26.90
C ILE D 33 25.00 -0.52 -26.93
N PRO D 34 24.55 0.01 -25.80
CA PRO D 34 23.58 1.11 -25.83
C PRO D 34 24.03 2.32 -26.66
N PRO D 35 25.31 2.72 -26.63
CA PRO D 35 25.70 3.89 -27.45
C PRO D 35 25.59 3.69 -28.93
N ILE D 36 25.64 2.45 -29.42
CA ILE D 36 25.65 2.22 -30.86
C ILE D 36 24.37 2.78 -31.49
N GLY D 37 23.22 2.34 -30.98
CA GLY D 37 21.97 2.80 -31.55
C GLY D 37 21.78 4.29 -31.39
N GLN D 38 22.21 4.82 -30.24
N GLN D 38 22.24 4.85 -30.28
CA GLN D 38 22.24 6.26 -29.96
CA GLN D 38 22.12 6.29 -30.12
C GLN D 38 22.93 7.01 -31.11
C GLN D 38 22.93 7.04 -31.18
N GLU D 39 24.17 6.61 -31.42
CA GLU D 39 24.99 7.33 -32.38
C GLU D 39 24.51 7.17 -33.83
N VAL D 40 24.05 5.99 -34.20
CA VAL D 40 23.69 5.78 -35.59
C VAL D 40 22.40 6.48 -35.92
N MET D 41 21.44 6.52 -34.97
CA MET D 41 20.17 7.18 -35.22
C MET D 41 20.37 8.70 -35.31
N LYS D 42 21.23 9.24 -34.44
CA LYS D 42 21.50 10.68 -34.54
C LYS D 42 22.06 11.04 -35.90
N ALA D 43 22.85 10.16 -36.50
CA ALA D 43 23.44 10.46 -37.79
C ALA D 43 22.51 10.18 -38.96
N ASN D 44 21.39 9.50 -38.72
CA ASN D 44 20.53 9.00 -39.80
C ASN D 44 19.09 9.25 -39.40
N PRO D 45 18.66 10.51 -39.37
CA PRO D 45 17.27 10.80 -39.06
C PRO D 45 16.36 10.00 -40.00
N GLY D 46 15.31 9.44 -39.44
CA GLY D 46 14.42 8.62 -40.24
C GLY D 46 14.76 7.14 -40.29
N LEU D 47 15.94 6.71 -39.82
CA LEU D 47 16.26 5.29 -39.75
C LEU D 47 15.22 4.58 -38.90
N THR D 48 14.78 3.41 -39.36
N THR D 48 14.70 3.44 -39.37
CA THR D 48 13.70 2.66 -38.74
CA THR D 48 13.68 2.72 -38.63
C THR D 48 14.11 1.21 -38.49
C THR D 48 14.04 1.24 -38.48
N LEU D 49 13.93 0.75 -37.25
CA LEU D 49 14.15 -0.67 -36.95
C LEU D 49 13.08 -1.51 -37.63
N THR D 50 13.46 -2.72 -38.05
CA THR D 50 12.47 -3.64 -38.56
C THR D 50 11.44 -4.02 -37.49
N THR D 51 10.26 -4.35 -37.97
CA THR D 51 9.19 -4.90 -37.13
C THR D 51 8.76 -6.21 -37.80
N PRO D 52 8.98 -7.37 -37.17
CA PRO D 52 9.64 -7.53 -35.87
C PRO D 52 11.11 -7.22 -35.92
N ALA D 53 11.64 -6.89 -34.76
CA ALA D 53 13.05 -6.59 -34.61
C ALA D 53 13.89 -7.83 -34.86
N TYR D 54 15.12 -7.59 -35.29
CA TYR D 54 16.13 -8.65 -35.35
C TYR D 54 17.44 -8.02 -34.89
N CYS D 55 17.84 -8.32 -33.66
CA CYS D 55 18.95 -7.67 -32.99
C CYS D 55 19.82 -8.79 -32.46
N PHE D 56 21.08 -8.86 -32.91
CA PHE D 56 21.89 -10.05 -32.68
C PHE D 56 23.37 -9.74 -32.65
N THR D 57 24.10 -10.57 -31.94
CA THR D 57 25.56 -10.61 -31.99
C THR D 57 26.02 -11.72 -32.92
N LEU D 58 26.95 -11.40 -33.81
CA LEU D 58 27.71 -12.40 -34.54
C LEU D 58 29.01 -12.69 -33.79
N TYR D 59 29.25 -13.96 -33.49
CA TYR D 59 30.47 -14.42 -32.83
C TYR D 59 31.39 -14.95 -33.93
N HIS D 60 32.40 -14.18 -34.26
CA HIS D 60 33.29 -14.42 -35.40
C HIS D 60 34.53 -15.24 -35.08
N ASP D 61 34.75 -15.64 -33.83
CA ASP D 61 35.93 -16.44 -33.57
C ASP D 61 35.85 -17.79 -34.26
N LYS D 62 36.99 -18.36 -34.52
CA LYS D 62 37.09 -19.64 -35.19
C LYS D 62 37.15 -20.80 -34.23
N GLU D 63 37.05 -20.54 -32.93
CA GLU D 63 36.86 -21.59 -31.95
C GLU D 63 35.97 -21.01 -30.87
N TYR D 64 35.54 -21.86 -29.97
CA TYR D 64 34.73 -21.42 -28.84
C TYR D 64 35.62 -20.64 -27.86
N LYS D 65 35.17 -19.46 -27.45
N LYS D 65 35.13 -19.50 -27.41
CA LYS D 65 35.86 -18.63 -26.47
CA LYS D 65 35.81 -18.68 -26.42
C LYS D 65 34.84 -17.85 -25.65
C LYS D 65 34.76 -18.02 -25.54
N GLU D 66 35.19 -17.54 -24.39
CA GLU D 66 34.38 -16.66 -23.58
C GLU D 66 35.08 -15.38 -23.17
N LYS D 67 36.36 -15.25 -23.45
CA LYS D 67 37.13 -14.05 -23.18
C LYS D 67 37.95 -13.68 -24.40
N ASN D 68 38.20 -12.38 -24.57
CA ASN D 68 38.95 -11.88 -25.72
C ASN D 68 38.24 -12.28 -27.01
N MET D 69 36.95 -11.98 -27.10
CA MET D 69 36.08 -12.46 -28.17
C MET D 69 35.95 -11.44 -29.28
N ASP D 70 35.91 -11.92 -30.53
CA ASP D 70 35.63 -11.10 -31.70
C ASP D 70 34.13 -11.15 -31.97
N VAL D 71 33.45 -10.05 -31.68
CA VAL D 71 31.98 -9.97 -31.72
C VAL D 71 31.55 -8.78 -32.55
N GLU D 72 30.38 -8.91 -33.16
CA GLU D 72 29.81 -7.84 -33.99
C GLU D 72 28.34 -7.68 -33.64
N PHE D 73 27.99 -6.57 -33.06
CA PHE D 73 26.62 -6.24 -32.72
C PHE D 73 25.91 -5.75 -33.97
N CYS D 74 24.73 -6.30 -34.23
CA CYS D 74 23.92 -5.98 -35.38
C CYS D 74 22.48 -5.69 -35.01
N GLU D 75 21.86 -4.73 -35.71
CA GLU D 75 20.44 -4.42 -35.50
C GLU D 75 19.79 -4.11 -36.84
N ALA D 76 18.76 -4.86 -37.17
CA ALA D 76 18.15 -4.79 -38.47
C ALA D 76 17.26 -3.56 -38.60
N VAL D 77 17.33 -2.94 -39.77
CA VAL D 77 16.62 -1.75 -40.13
C VAL D 77 15.92 -1.96 -41.46
N ASN D 78 14.99 -1.05 -41.77
CA ASN D 78 14.25 -1.16 -43.02
C ASN D 78 14.99 -0.63 -44.26
N ASP D 79 15.96 0.27 -44.08
CA ASP D 79 16.64 0.86 -45.22
C ASP D 79 18.06 1.16 -44.81
N PHE D 80 18.93 1.31 -45.80
CA PHE D 80 20.31 1.67 -45.52
C PHE D 80 20.38 3.08 -44.99
N GLY D 81 21.41 3.33 -44.20
CA GLY D 81 21.79 4.68 -43.83
C GLY D 81 23.26 4.89 -44.11
N LYS D 82 23.82 5.95 -43.57
CA LYS D 82 25.22 6.27 -43.78
C LYS D 82 26.05 5.79 -42.61
N ASN D 83 27.26 5.34 -42.88
CA ASN D 83 28.13 4.90 -41.81
C ASN D 83 28.50 6.07 -40.91
N GLU D 84 28.72 5.78 -39.63
CA GLU D 84 29.04 6.76 -38.59
C GLU D 84 30.21 6.22 -37.79
N GLY D 85 31.40 6.73 -38.07
CA GLY D 85 32.58 6.15 -37.42
C GLY D 85 32.72 4.68 -37.79
N ASN D 86 32.88 3.85 -36.78
CA ASN D 86 32.99 2.42 -36.95
C ASN D 86 31.63 1.71 -36.93
N ILE D 87 30.53 2.45 -36.91
CA ILE D 87 29.20 1.88 -37.07
C ILE D 87 28.90 1.85 -38.56
N ILE D 88 28.73 0.67 -39.10
CA ILE D 88 28.59 0.51 -40.53
C ILE D 88 27.30 -0.24 -40.87
N PHE D 89 26.79 0.06 -42.06
CA PHE D 89 25.68 -0.70 -42.60
C PHE D 89 26.17 -1.79 -43.51
N GLN D 90 25.45 -2.91 -43.50
CA GLN D 90 25.79 -4.05 -44.36
C GLN D 90 24.56 -4.94 -44.50
N VAL D 91 24.59 -5.72 -45.55
CA VAL D 91 23.61 -6.80 -45.74
C VAL D 91 24.16 -8.07 -45.11
N ILE D 92 23.42 -8.62 -44.14
CA ILE D 92 23.78 -9.89 -43.53
C ILE D 92 23.10 -10.98 -44.36
N PRO D 93 23.83 -11.92 -44.91
CA PRO D 93 23.23 -12.82 -45.89
C PRO D 93 22.24 -13.80 -45.29
N ALA D 94 21.41 -14.32 -46.16
CA ALA D 94 20.52 -15.42 -45.83
C ALA D 94 21.31 -16.66 -45.50
N ILE D 95 20.82 -17.39 -44.50
CA ILE D 95 21.39 -18.65 -44.06
C ILE D 95 20.31 -19.68 -43.78
N THR D 96 20.71 -20.93 -43.83
CA THR D 96 20.01 -22.02 -43.18
C THR D 96 20.62 -22.19 -41.78
N ALA D 97 19.78 -22.15 -40.74
CA ALA D 97 20.30 -22.19 -39.38
C ALA D 97 19.56 -23.26 -38.57
N VAL D 98 20.30 -23.94 -37.70
CA VAL D 98 19.70 -24.68 -36.62
C VAL D 98 19.71 -23.78 -35.41
N THR D 99 18.58 -23.72 -34.71
CA THR D 99 18.37 -22.75 -33.67
C THR D 99 17.81 -23.39 -32.42
N VAL D 100 18.07 -22.75 -31.28
CA VAL D 100 17.37 -23.05 -30.04
C VAL D 100 17.10 -21.75 -29.31
N ILE D 101 16.09 -21.76 -28.45
CA ILE D 101 15.79 -20.66 -27.55
C ILE D 101 16.44 -20.91 -26.20
N HIS D 102 17.22 -19.98 -25.75
CA HIS D 102 17.73 -19.93 -24.37
C HIS D 102 16.85 -19.02 -23.53
N LYS D 103 16.21 -19.61 -22.51
N LYS D 103 16.17 -19.62 -22.55
CA LYS D 103 15.34 -18.88 -21.60
CA LYS D 103 15.39 -18.85 -21.60
C LYS D 103 16.13 -18.58 -20.33
C LYS D 103 16.26 -18.53 -20.40
N GLY D 104 16.09 -17.32 -19.89
CA GLY D 104 16.73 -16.93 -18.66
C GLY D 104 17.96 -16.09 -18.83
N PRO D 105 18.66 -15.89 -17.73
CA PRO D 105 19.81 -15.00 -17.72
C PRO D 105 20.97 -15.50 -18.57
N TYR D 106 21.90 -14.57 -18.81
CA TYR D 106 22.94 -14.79 -19.81
C TYR D 106 24.09 -15.62 -19.27
N ASP D 107 24.18 -15.82 -17.94
CA ASP D 107 25.30 -16.59 -17.41
C ASP D 107 25.36 -18.01 -17.96
N SER D 108 24.23 -18.59 -18.34
CA SER D 108 24.13 -19.96 -18.83
C SER D 108 23.99 -20.08 -20.34
N LEU D 109 24.18 -18.97 -21.08
CA LEU D 109 24.14 -19.04 -22.54
C LEU D 109 25.01 -20.16 -23.11
N ARG D 110 26.17 -20.42 -22.52
CA ARG D 110 27.08 -21.41 -23.09
C ARG D 110 26.37 -22.74 -23.30
N ASN D 111 25.42 -23.07 -22.42
CA ASN D 111 24.73 -24.36 -22.53
C ASN D 111 24.03 -24.52 -23.87
N ALA D 112 23.49 -23.43 -24.41
CA ALA D 112 22.84 -23.46 -25.71
C ALA D 112 23.85 -23.72 -26.82
N TYR D 113 25.04 -23.10 -26.72
CA TYR D 113 26.11 -23.35 -27.70
C TYR D 113 26.57 -24.80 -27.63
N ILE D 114 26.75 -25.34 -26.42
CA ILE D 114 27.12 -26.75 -26.26
C ILE D 114 26.09 -27.63 -26.95
N TYR D 115 24.82 -27.35 -26.70
CA TYR D 115 23.75 -28.15 -27.27
C TYR D 115 23.77 -28.12 -28.78
N LEU D 116 23.91 -26.92 -29.35
CA LEU D 116 23.88 -26.80 -30.82
C LEU D 116 25.09 -27.42 -31.48
N MET D 117 26.29 -27.25 -30.87
N MET D 117 26.27 -27.29 -30.91
CA MET D 117 27.51 -27.89 -31.37
CA MET D 117 27.38 -27.96 -31.58
C MET D 117 27.33 -29.40 -31.45
C MET D 117 27.14 -29.46 -31.57
N GLN D 118 26.64 -29.98 -30.47
CA GLN D 118 26.40 -31.42 -30.41
C GLN D 118 25.35 -31.83 -31.44
N TRP D 119 24.29 -31.01 -31.59
CA TRP D 119 23.26 -31.31 -32.55
C TRP D 119 23.84 -31.36 -33.95
N VAL D 120 24.71 -30.40 -34.27
CA VAL D 120 25.31 -30.35 -35.60
C VAL D 120 26.08 -31.63 -35.87
N GLU D 121 26.92 -32.05 -34.92
CA GLU D 121 27.66 -33.28 -35.11
C GLU D 121 26.72 -34.47 -35.27
N ASP D 122 25.74 -34.60 -34.38
CA ASP D 122 24.87 -35.77 -34.31
C ASP D 122 23.99 -35.92 -35.56
N ASN D 123 23.69 -34.80 -36.21
CA ASN D 123 22.70 -34.78 -37.29
C ASN D 123 23.32 -34.65 -38.66
N GLY D 124 24.65 -34.71 -38.74
CA GLY D 124 25.28 -34.68 -40.05
C GLY D 124 25.29 -33.34 -40.72
N TYR D 125 25.49 -32.28 -39.96
CA TYR D 125 25.60 -30.93 -40.46
C TYR D 125 26.99 -30.42 -40.19
N LEU D 126 27.30 -29.28 -40.81
CA LEU D 126 28.54 -28.54 -40.59
C LEU D 126 28.19 -27.11 -40.31
N LEU D 127 28.89 -26.52 -39.34
CA LEU D 127 28.79 -25.09 -39.06
C LEU D 127 29.58 -24.32 -40.12
N THR D 128 28.88 -23.44 -40.86
CA THR D 128 29.47 -22.79 -42.04
C THR D 128 29.60 -21.29 -41.95
N ASN D 129 29.16 -20.68 -40.87
CA ASN D 129 29.39 -19.24 -40.69
C ASN D 129 29.22 -18.94 -39.19
N SER D 130 29.31 -17.65 -38.88
CA SER D 130 29.36 -17.21 -37.49
C SER D 130 28.05 -17.42 -36.78
N PRO D 131 28.06 -18.05 -35.61
CA PRO D 131 26.84 -18.11 -34.80
C PRO D 131 26.26 -16.72 -34.53
N ARG D 132 24.94 -16.68 -34.49
CA ARG D 132 24.20 -15.48 -34.15
C ARG D 132 23.45 -15.66 -32.83
N GLU D 133 23.43 -14.60 -32.02
CA GLU D 133 22.80 -14.60 -30.72
C GLU D 133 21.74 -13.50 -30.75
N SER D 134 20.48 -13.89 -30.91
CA SER D 134 19.38 -12.96 -31.20
C SER D 134 18.59 -12.63 -29.93
N TYR D 135 18.63 -11.36 -29.53
CA TYR D 135 18.05 -10.88 -28.27
C TYR D 135 16.59 -10.52 -28.50
N ILE D 136 15.70 -11.23 -27.81
CA ILE D 136 14.26 -11.11 -27.99
C ILE D 136 13.66 -10.42 -26.76
N ASP D 137 13.64 -11.10 -25.63
CA ASP D 137 13.17 -10.52 -24.36
C ASP D 137 14.35 -10.42 -23.42
N GLY D 138 14.38 -9.35 -22.62
CA GLY D 138 15.51 -9.07 -21.78
C GLY D 138 15.16 -7.95 -20.83
N ILE D 139 16.21 -7.32 -20.31
CA ILE D 139 16.05 -6.29 -19.28
C ILE D 139 15.27 -5.08 -19.82
N TRP D 140 15.25 -4.89 -21.12
CA TRP D 140 14.50 -3.81 -21.75
C TRP D 140 12.99 -4.00 -21.63
N ASN D 141 12.49 -5.22 -21.41
CA ASN D 141 11.05 -5.44 -21.40
C ASN D 141 10.52 -6.41 -20.34
N LYS D 142 11.40 -7.11 -19.63
CA LYS D 142 11.00 -8.11 -18.63
C LYS D 142 11.97 -8.03 -17.47
N GLN D 143 11.47 -7.69 -16.30
CA GLN D 143 12.36 -7.64 -15.15
C GLN D 143 12.51 -8.99 -14.48
N ASP D 144 11.62 -9.94 -14.75
CA ASP D 144 11.83 -11.32 -14.30
C ASP D 144 12.80 -11.95 -15.31
N SER D 145 14.07 -12.08 -14.91
CA SER D 145 15.06 -12.59 -15.83
C SER D 145 14.87 -14.05 -16.21
N ALA D 146 14.09 -14.81 -15.46
CA ALA D 146 13.72 -16.15 -15.95
C ALA D 146 12.93 -16.12 -17.23
N GLU D 147 12.31 -14.98 -17.55
CA GLU D 147 11.54 -14.85 -18.79
C GLU D 147 12.32 -14.24 -19.94
N TRP D 148 13.62 -14.00 -19.78
CA TRP D 148 14.38 -13.52 -20.92
C TRP D 148 14.46 -14.60 -21.98
N MET D 149 14.61 -14.17 -23.23
N MET D 149 14.57 -14.18 -23.24
CA MET D 149 14.59 -15.08 -24.35
CA MET D 149 14.50 -15.10 -24.37
C MET D 149 15.64 -14.62 -25.32
C MET D 149 15.53 -14.66 -25.40
N THR D 150 16.48 -15.55 -25.72
CA THR D 150 17.57 -15.27 -26.67
C THR D 150 17.69 -16.49 -27.57
N GLU D 151 17.69 -16.28 -28.88
N GLU D 151 17.64 -16.29 -28.88
CA GLU D 151 17.71 -17.39 -29.84
CA GLU D 151 17.73 -17.40 -29.81
C GLU D 151 19.12 -17.53 -30.39
C GLU D 151 19.16 -17.53 -30.30
N ILE D 152 19.72 -18.70 -30.20
CA ILE D 152 21.06 -18.98 -30.73
C ILE D 152 20.88 -19.66 -32.07
N GLN D 153 21.60 -19.14 -33.09
CA GLN D 153 21.40 -19.56 -34.47
C GLN D 153 22.72 -19.98 -35.07
N PHE D 154 22.85 -21.25 -35.42
CA PHE D 154 24.06 -21.77 -36.03
C PHE D 154 23.87 -21.92 -37.54
N PRO D 155 24.58 -21.13 -38.35
CA PRO D 155 24.49 -21.32 -39.80
C PRO D 155 25.10 -22.65 -40.19
N VAL D 156 24.35 -23.47 -40.94
CA VAL D 156 24.79 -24.81 -41.27
C VAL D 156 24.48 -25.20 -42.70
N GLU D 157 25.17 -26.26 -43.12
N GLU D 157 25.17 -26.27 -43.11
CA GLU D 157 24.84 -26.97 -44.33
CA GLU D 157 24.97 -26.99 -44.35
C GLU D 157 24.96 -28.45 -44.03
C GLU D 157 24.97 -28.48 -44.02
N LYS D 158 24.13 -29.23 -44.75
CA LYS D 158 24.11 -30.67 -44.58
C LYS D 158 25.36 -31.25 -45.21
N VAL D 159 26.01 -32.17 -44.50
CA VAL D 159 27.17 -32.85 -45.05
C VAL D 159 26.70 -33.85 -46.10
#